data_1DAP
#
_entry.id   1DAP
#
_cell.length_a   75.900
_cell.length_b   65.800
_cell.length_c   84.500
_cell.angle_alpha   90.00
_cell.angle_beta   106.60
_cell.angle_gamma   90.00
#
_symmetry.space_group_name_H-M   'P 1 21 1'
#
loop_
_entity.id
_entity.type
_entity.pdbx_description
1 polymer 'DIAMINOPIMELIC ACID DEHYDROGENASE'
2 non-polymer 'NADPH DIHYDRO-NICOTINAMIDE-ADENINE-DINUCLEOTIDE PHOSPHATE'
3 non-polymer 'ACETATE ION'
4 water water
#
_entity_poly.entity_id   1
_entity_poly.type   'polypeptide(L)'
_entity_poly.pdbx_seq_one_letter_code
;MTNIRVAIVGYGNLGRSVEKLIAKQPDMDLVGIFSRRATLDTKTPVFDVADVDKHADDVDVLFLCMGSATDIPEQAPKFA
QFACTVDTYDNHRDIPRHRQVMNEAATAAGNVALVSTGWDPGMFSINRVYAAAVLAEHQQHTFWGPGLSQGHSDALRRIP
GVQKAVQYTLPSEDALEKARRGEAGDLTGKQTHKRQCFVVADAADHERIENDIRTMPDYFVGYEVEVNFIDEATFDSEHT
GMPHGGHVITTGDTGGFNHTVEYILKLDRNPDFTASSQIAFGRAAHRMKQQGQSGAFTVLEVAPYLLSPENLDDLIARDV
;
_entity_poly.pdbx_strand_id   A,B
#
# COMPACT_ATOMS: atom_id res chain seq x y z
N MET A 1 11.47 1.02 -27.15
CA MET A 1 10.50 -0.07 -27.15
C MET A 1 11.03 -1.20 -26.29
N THR A 2 11.96 -0.79 -25.45
CA THR A 2 12.55 -1.66 -24.42
C THR A 2 12.37 -3.12 -24.79
N ASN A 3 11.11 -3.53 -24.79
CA ASN A 3 10.73 -4.94 -24.77
C ASN A 3 11.77 -5.74 -23.97
N ILE A 4 12.04 -5.19 -22.80
CA ILE A 4 12.94 -5.79 -21.81
C ILE A 4 12.95 -7.29 -21.97
N ARG A 5 14.11 -7.78 -22.33
CA ARG A 5 14.30 -9.19 -22.61
C ARG A 5 14.49 -9.98 -21.31
N VAL A 6 13.59 -10.91 -21.08
CA VAL A 6 13.55 -11.74 -19.89
C VAL A 6 13.73 -13.26 -20.17
N ALA A 7 14.13 -13.97 -19.12
CA ALA A 7 14.14 -15.42 -19.14
C ALA A 7 13.73 -15.89 -17.77
N ILE A 8 13.34 -17.15 -17.69
CA ILE A 8 12.95 -17.83 -16.48
C ILE A 8 13.95 -18.90 -16.05
N VAL A 9 14.36 -18.86 -14.80
CA VAL A 9 15.25 -19.92 -14.36
C VAL A 9 14.46 -20.79 -13.40
N GLY A 10 14.18 -22.04 -13.81
CA GLY A 10 13.39 -23.03 -13.01
C GLY A 10 11.93 -23.14 -13.50
N TYR A 11 11.49 -24.33 -13.87
CA TYR A 11 10.16 -24.44 -14.44
C TYR A 11 9.08 -25.18 -13.66
N GLY A 12 8.78 -24.73 -12.45
CA GLY A 12 7.75 -25.37 -11.65
C GLY A 12 6.48 -24.56 -11.79
N ASN A 13 5.62 -24.61 -10.78
CA ASN A 13 4.37 -23.86 -10.80
C ASN A 13 4.61 -22.38 -11.05
N LEU A 14 5.49 -21.78 -10.24
CA LEU A 14 5.77 -20.37 -10.35
C LEU A 14 6.22 -20.10 -11.77
N GLY A 15 7.29 -20.82 -12.17
CA GLY A 15 7.90 -20.66 -13.49
C GLY A 15 6.83 -20.71 -14.59
N ARG A 16 5.78 -21.49 -14.38
CA ARG A 16 4.75 -21.64 -15.42
C ARG A 16 3.81 -20.42 -15.50
N SER A 17 3.57 -19.88 -14.30
CA SER A 17 2.79 -18.70 -14.01
C SER A 17 3.44 -17.42 -14.55
N VAL A 18 4.76 -17.37 -14.47
CA VAL A 18 5.47 -16.24 -15.03
C VAL A 18 5.35 -16.29 -16.55
N GLU A 19 5.67 -17.44 -17.14
CA GLU A 19 5.58 -17.69 -18.56
C GLU A 19 4.25 -17.24 -19.10
N LYS A 20 3.20 -17.73 -18.50
CA LYS A 20 1.90 -17.38 -18.97
C LYS A 20 1.54 -15.88 -18.84
N LEU A 21 2.06 -15.18 -17.84
CA LEU A 21 1.69 -13.76 -17.67
C LEU A 21 2.47 -12.75 -18.49
N ILE A 22 3.66 -13.16 -18.88
CA ILE A 22 4.47 -12.34 -19.75
C ILE A 22 3.72 -11.93 -21.05
N ALA A 23 2.92 -12.82 -21.59
CA ALA A 23 2.08 -12.45 -22.72
C ALA A 23 1.15 -11.22 -22.47
N LYS A 24 0.85 -10.96 -21.23
CA LYS A 24 -0.03 -9.85 -20.95
C LYS A 24 0.76 -8.59 -20.57
N GLN A 25 2.06 -8.61 -20.80
CA GLN A 25 2.87 -7.44 -20.52
C GLN A 25 3.08 -6.77 -21.85
N PRO A 26 3.02 -5.45 -21.84
CA PRO A 26 3.24 -4.67 -23.06
C PRO A 26 4.71 -4.57 -23.43
N ASP A 27 5.58 -4.75 -22.48
CA ASP A 27 6.93 -4.33 -22.72
C ASP A 27 7.95 -5.40 -22.46
N MET A 28 7.56 -6.66 -22.55
CA MET A 28 8.58 -7.67 -22.25
C MET A 28 8.62 -8.69 -23.34
N ASP A 29 9.80 -9.18 -23.66
CA ASP A 29 9.94 -10.32 -24.52
C ASP A 29 10.49 -11.55 -23.75
N LEU A 30 9.82 -12.69 -23.88
CA LEU A 30 10.36 -13.95 -23.34
C LEU A 30 11.39 -14.60 -24.24
N VAL A 31 12.63 -14.58 -23.78
CA VAL A 31 13.69 -15.18 -24.53
C VAL A 31 13.97 -16.67 -24.26
N GLY A 32 13.24 -17.32 -23.35
CA GLY A 32 13.40 -18.78 -23.17
C GLY A 32 13.54 -19.24 -21.69
N ILE A 33 13.65 -20.55 -21.51
CA ILE A 33 13.70 -21.12 -20.16
C ILE A 33 15.02 -21.84 -19.87
N PHE A 34 15.58 -21.57 -18.71
CA PHE A 34 16.79 -22.26 -18.29
C PHE A 34 16.40 -23.35 -17.30
N SER A 35 16.64 -24.61 -17.66
CA SER A 35 16.16 -25.69 -16.87
C SER A 35 17.17 -26.80 -16.63
N ARG A 36 16.93 -27.57 -15.59
CA ARG A 36 17.85 -28.66 -15.29
C ARG A 36 17.40 -29.94 -16.00
N ARG A 37 16.20 -29.90 -16.56
CA ARG A 37 15.71 -30.99 -17.35
C ARG A 37 15.69 -30.56 -18.78
N ALA A 38 15.85 -31.53 -19.67
CA ALA A 38 15.90 -31.29 -21.10
C ALA A 38 14.53 -31.03 -21.77
N THR A 39 13.48 -31.65 -21.27
CA THR A 39 12.24 -31.71 -21.99
C THR A 39 11.05 -31.22 -21.19
N LEU A 40 10.56 -30.03 -21.53
CA LEU A 40 9.42 -29.47 -20.82
C LEU A 40 8.18 -29.35 -21.69
N ASP A 41 7.06 -29.35 -21.01
CA ASP A 41 5.69 -29.23 -21.53
C ASP A 41 5.48 -27.87 -22.16
N THR A 42 6.31 -27.49 -23.12
CA THR A 42 6.21 -26.13 -23.57
C THR A 42 6.82 -25.85 -24.93
N LYS A 43 6.36 -24.75 -25.51
CA LYS A 43 6.85 -24.33 -26.80
C LYS A 43 7.93 -23.28 -26.68
N THR A 44 8.13 -22.67 -25.51
CA THR A 44 9.20 -21.66 -25.47
C THR A 44 10.48 -22.40 -25.40
N PRO A 45 11.54 -21.82 -25.94
CA PRO A 45 12.77 -22.59 -26.08
C PRO A 45 13.36 -22.90 -24.75
N VAL A 46 13.99 -24.05 -24.67
CA VAL A 46 14.60 -24.41 -23.42
C VAL A 46 16.06 -24.48 -23.55
N PHE A 47 16.77 -24.03 -22.52
CA PHE A 47 18.22 -24.11 -22.48
C PHE A 47 18.70 -24.76 -21.19
N ASP A 48 19.94 -25.20 -21.22
CA ASP A 48 20.55 -25.82 -20.07
C ASP A 48 21.01 -24.73 -19.11
N VAL A 49 20.68 -24.87 -17.84
CA VAL A 49 21.01 -23.84 -16.87
C VAL A 49 22.50 -23.53 -16.86
N ALA A 50 23.30 -24.51 -17.26
CA ALA A 50 24.76 -24.34 -17.20
C ALA A 50 25.22 -23.43 -18.29
N ASP A 51 24.34 -23.23 -19.27
CA ASP A 51 24.68 -22.44 -20.41
C ASP A 51 24.14 -21.06 -20.30
N VAL A 52 23.82 -20.65 -19.09
CA VAL A 52 23.36 -19.30 -18.89
C VAL A 52 24.47 -18.31 -19.23
N ASP A 53 25.70 -18.71 -18.91
CA ASP A 53 26.89 -17.90 -19.21
C ASP A 53 26.91 -17.44 -20.67
N LYS A 54 26.55 -18.32 -21.60
CA LYS A 54 26.58 -18.04 -23.02
C LYS A 54 25.50 -17.04 -23.56
N HIS A 55 24.38 -16.93 -22.87
CA HIS A 55 23.25 -16.11 -23.33
C HIS A 55 23.22 -14.71 -22.76
N ALA A 56 24.26 -14.44 -22.00
CA ALA A 56 24.38 -13.24 -21.25
C ALA A 56 23.85 -12.00 -21.90
N ASP A 57 24.02 -11.88 -23.21
CA ASP A 57 23.65 -10.62 -23.81
C ASP A 57 22.26 -10.56 -24.45
N ASP A 58 21.56 -11.68 -24.49
CA ASP A 58 20.20 -11.70 -25.02
C ASP A 58 19.21 -11.36 -23.95
N VAL A 59 19.70 -11.21 -22.73
CA VAL A 59 18.78 -11.08 -21.62
C VAL A 59 19.06 -9.92 -20.72
N ASP A 60 17.98 -9.28 -20.29
CA ASP A 60 18.02 -8.11 -19.39
C ASP A 60 17.75 -8.51 -17.95
N VAL A 61 16.68 -9.28 -17.76
CA VAL A 61 16.40 -9.78 -16.41
C VAL A 61 16.03 -11.26 -16.36
N LEU A 62 16.57 -11.92 -15.34
CA LEU A 62 16.33 -13.34 -15.11
C LEU A 62 15.37 -13.50 -13.94
N PHE A 63 14.20 -14.09 -14.17
CA PHE A 63 13.28 -14.39 -13.09
C PHE A 63 13.71 -15.76 -12.52
N LEU A 64 14.02 -15.80 -11.24
CA LEU A 64 14.57 -17.03 -10.59
C LEU A 64 13.45 -17.77 -9.87
N CYS A 65 13.01 -18.89 -10.46
CA CYS A 65 11.85 -19.52 -9.95
C CYS A 65 12.17 -20.92 -9.45
N MET A 66 13.37 -21.09 -8.95
CA MET A 66 13.67 -22.37 -8.35
C MET A 66 13.38 -22.37 -6.86
N GLY A 67 13.75 -23.45 -6.18
CA GLY A 67 13.40 -23.64 -4.78
C GLY A 67 14.04 -22.66 -3.81
N SER A 68 13.25 -22.22 -2.84
CA SER A 68 13.75 -21.32 -1.77
C SER A 68 14.71 -22.14 -0.80
N ALA A 69 14.20 -23.30 -0.36
CA ALA A 69 14.88 -24.17 0.59
C ALA A 69 16.37 -24.38 0.39
N THR A 70 16.78 -24.82 -0.78
CA THR A 70 18.21 -24.97 -0.95
C THR A 70 18.77 -24.37 -2.22
N ASP A 71 17.98 -24.26 -3.27
CA ASP A 71 18.53 -23.80 -4.56
C ASP A 71 18.91 -22.35 -4.53
N ILE A 72 17.95 -21.56 -4.05
CA ILE A 72 18.11 -20.14 -4.10
C ILE A 72 19.34 -19.63 -3.41
N PRO A 73 19.52 -20.05 -2.18
CA PRO A 73 20.65 -19.60 -1.36
C PRO A 73 21.97 -19.90 -2.04
N GLU A 74 22.10 -21.09 -2.62
CA GLU A 74 23.33 -21.38 -3.37
C GLU A 74 23.45 -20.96 -4.85
N GLN A 75 22.37 -21.02 -5.62
CA GLN A 75 22.50 -20.72 -7.03
C GLN A 75 22.38 -19.23 -7.39
N ALA A 76 21.44 -18.58 -6.74
CA ALA A 76 21.11 -17.18 -7.03
C ALA A 76 22.29 -16.22 -7.19
N PRO A 77 23.24 -16.26 -6.29
CA PRO A 77 24.39 -15.40 -6.36
C PRO A 77 25.22 -15.51 -7.65
N LYS A 78 25.19 -16.64 -8.28
CA LYS A 78 26.01 -16.74 -9.45
C LYS A 78 25.33 -16.12 -10.63
N PHE A 79 24.00 -16.12 -10.56
CA PHE A 79 23.20 -15.64 -11.67
C PHE A 79 23.30 -14.12 -11.84
N ALA A 80 23.39 -13.42 -10.69
CA ALA A 80 23.54 -11.96 -10.61
C ALA A 80 24.83 -11.53 -11.30
N GLN A 81 25.61 -12.52 -11.64
CA GLN A 81 26.79 -12.27 -12.43
C GLN A 81 26.36 -11.95 -13.86
N PHE A 82 25.26 -12.54 -14.30
CA PHE A 82 24.92 -12.37 -15.71
C PHE A 82 23.87 -11.38 -16.05
N ALA A 83 22.98 -11.05 -15.12
CA ALA A 83 21.93 -10.08 -15.47
C ALA A 83 21.32 -9.56 -14.22
N CYS A 84 20.29 -8.76 -14.40
CA CYS A 84 19.53 -8.33 -13.27
C CYS A 84 18.76 -9.58 -12.93
N THR A 85 18.28 -9.62 -11.70
CA THR A 85 17.67 -10.79 -11.12
C THR A 85 16.54 -10.44 -10.17
N VAL A 86 15.44 -11.20 -10.25
CA VAL A 86 14.35 -11.04 -9.31
C VAL A 86 14.02 -12.42 -8.75
N ASP A 87 13.84 -12.49 -7.43
CA ASP A 87 13.45 -13.72 -6.74
C ASP A 87 12.33 -13.47 -5.68
N THR A 88 11.65 -14.54 -5.27
CA THR A 88 10.51 -14.47 -4.33
C THR A 88 10.85 -15.32 -3.09
N TYR A 89 12.15 -15.41 -2.75
CA TYR A 89 12.69 -16.17 -1.58
C TYR A 89 11.93 -15.87 -0.28
N ASP A 90 11.28 -16.88 0.29
CA ASP A 90 10.37 -16.64 1.41
C ASP A 90 10.82 -17.03 2.82
N ASN A 91 12.10 -17.33 2.99
CA ASN A 91 12.69 -17.62 4.28
C ASN A 91 13.04 -16.35 5.09
N HIS A 92 12.08 -15.78 5.82
CA HIS A 92 12.35 -14.52 6.54
C HIS A 92 13.62 -14.43 7.36
N ARG A 93 13.96 -15.51 8.02
CA ARG A 93 15.13 -15.50 8.88
C ARG A 93 16.42 -15.39 8.13
N ASP A 94 16.40 -15.67 6.80
CA ASP A 94 17.63 -15.68 5.96
C ASP A 94 17.76 -14.48 5.03
N ILE A 95 16.73 -13.63 5.01
CA ILE A 95 16.69 -12.51 4.08
C ILE A 95 17.85 -11.54 4.20
N PRO A 96 18.19 -11.15 5.42
CA PRO A 96 19.29 -10.24 5.59
C PRO A 96 20.55 -10.78 5.02
N ARG A 97 20.78 -12.08 5.16
CA ARG A 97 22.05 -12.63 4.67
C ARG A 97 22.01 -12.81 3.15
N HIS A 98 20.83 -13.21 2.67
CA HIS A 98 20.65 -13.46 1.25
C HIS A 98 20.95 -12.17 0.50
N ARG A 99 20.42 -11.09 1.05
CA ARG A 99 20.58 -9.83 0.43
C ARG A 99 22.04 -9.43 0.50
N GLN A 100 22.66 -9.67 1.64
CA GLN A 100 24.02 -9.20 1.79
C GLN A 100 24.91 -9.86 0.71
N VAL A 101 24.63 -11.12 0.49
CA VAL A 101 25.44 -11.90 -0.40
C VAL A 101 25.05 -11.61 -1.82
N MET A 102 23.76 -11.43 -2.05
CA MET A 102 23.30 -11.03 -3.38
C MET A 102 23.88 -9.63 -3.65
N ASN A 103 24.14 -8.89 -2.58
CA ASN A 103 24.65 -7.58 -2.79
C ASN A 103 26.06 -7.56 -3.26
N GLU A 104 26.94 -8.38 -2.69
CA GLU A 104 28.31 -8.40 -3.16
C GLU A 104 28.45 -8.86 -4.61
N ALA A 105 27.59 -9.76 -5.03
CA ALA A 105 27.59 -10.23 -6.40
C ALA A 105 27.12 -9.21 -7.41
N ALA A 106 25.88 -8.73 -7.30
CA ALA A 106 25.33 -7.82 -8.33
C ALA A 106 26.14 -6.55 -8.52
N THR A 107 26.68 -6.08 -7.40
CA THR A 107 27.47 -4.86 -7.38
C THR A 107 28.72 -5.05 -8.19
N ALA A 108 29.30 -6.22 -8.12
CA ALA A 108 30.52 -6.41 -8.79
C ALA A 108 30.33 -6.55 -10.28
N ALA A 109 29.16 -6.99 -10.70
CA ALA A 109 28.84 -7.21 -12.11
C ALA A 109 28.10 -5.99 -12.63
N GLY A 110 27.75 -5.08 -11.73
CA GLY A 110 27.03 -3.90 -12.17
C GLY A 110 25.58 -4.25 -12.50
N ASN A 111 25.01 -5.30 -11.89
CA ASN A 111 23.60 -5.60 -12.13
C ASN A 111 22.74 -5.14 -10.96
N VAL A 112 21.40 -5.24 -11.09
CA VAL A 112 20.46 -4.93 -10.00
C VAL A 112 19.68 -6.20 -9.62
N ALA A 113 19.72 -6.54 -8.35
CA ALA A 113 19.01 -7.70 -7.80
C ALA A 113 17.88 -7.30 -6.85
N LEU A 114 16.72 -7.84 -7.13
CA LEU A 114 15.53 -7.60 -6.41
C LEU A 114 15.26 -8.88 -5.67
N VAL A 115 15.26 -8.84 -4.35
CA VAL A 115 15.05 -10.07 -3.63
C VAL A 115 13.82 -10.12 -2.81
N SER A 116 13.20 -11.29 -2.77
CA SER A 116 12.14 -11.52 -1.86
C SER A 116 10.97 -10.66 -2.18
N THR A 117 10.47 -10.88 -3.40
CA THR A 117 9.22 -10.29 -3.87
C THR A 117 8.14 -11.37 -3.79
N GLY A 118 6.91 -11.03 -4.18
CA GLY A 118 5.74 -11.92 -4.03
C GLY A 118 4.63 -11.19 -3.21
N TRP A 119 3.80 -11.95 -2.50
CA TRP A 119 2.81 -11.36 -1.60
C TRP A 119 3.23 -11.35 -0.14
N ASP A 120 3.83 -12.43 0.33
CA ASP A 120 4.43 -12.38 1.66
C ASP A 120 5.61 -13.34 1.73
N PRO A 121 6.84 -12.86 1.65
CA PRO A 121 7.25 -11.46 1.60
C PRO A 121 6.92 -10.77 0.25
N GLY A 122 6.79 -9.44 0.30
CA GLY A 122 6.43 -8.61 -0.87
C GLY A 122 5.36 -7.60 -0.48
N MET A 123 4.21 -7.70 -1.12
CA MET A 123 3.11 -6.84 -0.83
C MET A 123 2.82 -6.67 0.67
N PHE A 124 2.78 -7.76 1.43
CA PHE A 124 2.39 -7.67 2.84
C PHE A 124 3.57 -6.96 3.55
N SER A 125 4.82 -7.17 3.12
CA SER A 125 5.91 -6.47 3.80
C SER A 125 5.76 -4.96 3.67
N ILE A 126 5.42 -4.53 2.47
CA ILE A 126 5.33 -3.11 2.15
C ILE A 126 4.25 -2.50 3.02
N ASN A 127 3.11 -3.14 2.98
CA ASN A 127 2.03 -2.69 3.81
C ASN A 127 2.37 -2.65 5.30
N ARG A 128 3.04 -3.66 5.81
CA ARG A 128 3.38 -3.61 7.21
C ARG A 128 4.20 -2.34 7.44
N VAL A 129 5.17 -2.09 6.60
CA VAL A 129 6.04 -0.97 6.83
C VAL A 129 5.32 0.33 6.71
N TYR A 130 4.54 0.53 5.66
CA TYR A 130 3.77 1.76 5.56
C TYR A 130 2.91 2.03 6.79
N ALA A 131 2.01 1.11 7.10
CA ALA A 131 1.08 1.42 8.18
C ALA A 131 1.77 1.64 9.57
N ALA A 132 2.91 1.00 9.78
CA ALA A 132 3.57 1.09 11.05
C ALA A 132 4.23 2.40 11.08
N ALA A 133 4.69 2.84 9.93
CA ALA A 133 5.44 4.11 9.88
C ALA A 133 4.50 5.27 10.15
N VAL A 134 3.28 5.16 9.64
CA VAL A 134 2.33 6.21 9.73
C VAL A 134 1.79 6.36 11.13
N LEU A 135 1.28 5.26 11.65
CA LEU A 135 0.66 5.19 12.94
C LEU A 135 1.72 4.96 13.99
N ALA A 136 2.38 6.06 14.38
CA ALA A 136 3.47 6.07 15.36
C ALA A 136 3.44 4.97 16.42
N GLU A 137 2.46 5.03 17.31
CA GLU A 137 2.39 3.95 18.26
C GLU A 137 1.22 3.22 17.72
N HIS A 138 1.38 1.90 17.60
CA HIS A 138 0.43 1.07 16.83
C HIS A 138 0.45 -0.38 17.22
N GLN A 139 -0.61 -1.10 16.93
CA GLN A 139 -0.68 -2.52 17.10
C GLN A 139 -0.87 -3.15 15.70
N GLN A 140 -0.04 -4.13 15.36
CA GLN A 140 -0.09 -4.74 14.04
C GLN A 140 -0.21 -6.28 13.97
N HIS A 141 -1.08 -6.83 13.12
CA HIS A 141 -1.08 -8.29 12.96
C HIS A 141 -1.16 -8.76 11.50
N THR A 142 -0.50 -9.87 11.19
CA THR A 142 -0.74 -10.53 9.90
C THR A 142 -1.45 -11.91 9.96
N PHE A 143 -2.59 -12.05 9.28
CA PHE A 143 -3.26 -13.34 9.26
C PHE A 143 -3.01 -13.89 7.91
N TRP A 144 -2.89 -15.20 7.82
CA TRP A 144 -2.85 -15.80 6.51
C TRP A 144 -4.08 -16.52 6.14
N GLY A 145 -4.37 -16.57 4.86
CA GLY A 145 -5.39 -17.45 4.40
C GLY A 145 -6.68 -16.70 4.33
N PRO A 146 -7.70 -17.36 3.83
CA PRO A 146 -7.79 -18.80 3.80
C PRO A 146 -6.99 -19.43 2.67
N GLY A 147 -6.29 -20.52 2.95
CA GLY A 147 -5.46 -21.08 1.92
C GLY A 147 -4.74 -22.36 2.30
N LEU A 148 -4.08 -22.90 1.30
CA LEU A 148 -3.33 -24.14 1.36
C LEU A 148 -2.03 -24.05 2.13
N SER A 149 -1.81 -25.01 3.01
CA SER A 149 -0.54 -25.13 3.68
C SER A 149 0.11 -26.43 3.33
N GLN A 150 1.11 -26.38 2.47
CA GLN A 150 1.82 -27.56 2.04
C GLN A 150 2.46 -28.32 3.19
N GLY A 151 2.96 -27.60 4.17
CA GLY A 151 3.60 -28.26 5.30
C GLY A 151 2.62 -29.06 6.17
N HIS A 152 1.41 -28.53 6.33
CA HIS A 152 0.42 -29.22 7.14
C HIS A 152 -0.19 -30.32 6.29
N SER A 153 -0.30 -30.07 4.99
CA SER A 153 -0.86 -31.07 4.11
C SER A 153 0.05 -32.30 4.07
N ASP A 154 1.37 -32.05 4.09
CA ASP A 154 2.36 -33.11 4.08
C ASP A 154 2.32 -33.92 5.36
N ALA A 155 2.14 -33.26 6.50
CA ALA A 155 2.02 -34.00 7.76
C ALA A 155 0.82 -34.95 7.71
N LEU A 156 -0.31 -34.43 7.29
CA LEU A 156 -1.51 -35.24 7.14
C LEU A 156 -1.19 -36.49 6.32
N ARG A 157 -0.57 -36.29 5.18
CA ARG A 157 -0.22 -37.35 4.25
C ARG A 157 0.67 -38.43 4.83
N ARG A 158 1.52 -38.07 5.78
CA ARG A 158 2.45 -39.05 6.30
C ARG A 158 1.69 -39.94 7.26
N ILE A 159 0.43 -39.62 7.48
CA ILE A 159 -0.37 -40.45 8.37
C ILE A 159 -0.73 -41.79 7.70
N PRO A 160 -0.67 -42.84 8.51
CA PRO A 160 -0.85 -44.20 8.01
C PRO A 160 -2.27 -44.42 7.53
N GLY A 161 -2.42 -44.76 6.26
CA GLY A 161 -3.75 -45.00 5.71
C GLY A 161 -4.43 -43.77 5.08
N VAL A 162 -3.75 -42.64 5.05
CA VAL A 162 -4.33 -41.49 4.39
C VAL A 162 -4.03 -41.56 2.91
N GLN A 163 -5.04 -41.49 2.06
CA GLN A 163 -4.81 -41.69 0.64
C GLN A 163 -4.51 -40.41 -0.10
N LYS A 164 -5.30 -39.40 0.23
CA LYS A 164 -5.18 -38.09 -0.38
C LYS A 164 -5.59 -37.16 0.74
N ALA A 165 -4.97 -35.99 0.82
CA ALA A 165 -5.32 -35.05 1.87
C ALA A 165 -4.84 -33.60 1.68
N VAL A 166 -5.52 -32.68 2.37
CA VAL A 166 -5.20 -31.28 2.23
C VAL A 166 -5.57 -30.59 3.51
N GLN A 167 -4.78 -29.60 3.93
CA GLN A 167 -5.23 -28.81 5.09
C GLN A 167 -5.23 -27.31 4.78
N TYR A 168 -6.36 -26.65 5.07
CA TYR A 168 -6.44 -25.20 4.87
C TYR A 168 -6.26 -24.48 6.18
N THR A 169 -5.52 -23.35 6.13
CA THR A 169 -5.36 -22.45 7.29
C THR A 169 -6.32 -21.28 7.06
N LEU A 170 -7.24 -21.07 7.99
CA LEU A 170 -8.18 -20.00 7.91
C LEU A 170 -7.99 -18.98 9.08
N PRO A 171 -8.27 -17.70 8.82
CA PRO A 171 -8.17 -16.76 9.92
C PRO A 171 -9.38 -16.88 10.83
N SER A 172 -9.12 -16.86 12.13
CA SER A 172 -10.23 -16.87 13.06
C SER A 172 -11.01 -15.53 12.95
N GLU A 173 -12.24 -15.60 12.45
CA GLU A 173 -13.09 -14.41 12.23
C GLU A 173 -13.28 -13.57 13.46
N ASP A 174 -13.40 -14.22 14.57
CA ASP A 174 -13.43 -13.58 15.84
C ASP A 174 -12.13 -12.82 16.03
N ALA A 175 -11.01 -13.46 15.68
CA ALA A 175 -9.72 -12.88 15.94
C ALA A 175 -9.49 -11.58 15.05
N LEU A 176 -10.07 -11.55 13.83
CA LEU A 176 -9.98 -10.40 12.93
C LEU A 176 -10.74 -9.19 13.49
N GLU A 177 -12.00 -9.42 13.89
CA GLU A 177 -12.88 -8.40 14.42
C GLU A 177 -12.25 -7.75 15.66
N LYS A 178 -11.57 -8.57 16.43
CA LYS A 178 -10.90 -8.09 17.61
C LYS A 178 -9.67 -7.24 17.30
N ALA A 179 -8.91 -7.64 16.27
CA ALA A 179 -7.72 -6.90 15.88
C ALA A 179 -8.16 -5.59 15.28
N ARG A 180 -9.26 -5.65 14.60
CA ARG A 180 -9.82 -4.48 14.00
C ARG A 180 -10.16 -3.46 15.12
N ARG A 181 -10.43 -3.92 16.33
CA ARG A 181 -10.82 -2.98 17.38
C ARG A 181 -9.66 -2.66 18.25
N GLY A 182 -8.49 -3.19 17.95
CA GLY A 182 -7.33 -2.87 18.77
C GLY A 182 -7.26 -3.74 20.04
N GLU A 183 -8.03 -4.84 20.05
CA GLU A 183 -8.10 -5.74 21.19
C GLU A 183 -7.44 -7.11 21.04
N ALA A 184 -6.60 -7.30 20.03
CA ALA A 184 -6.02 -8.64 19.89
C ALA A 184 -4.61 -8.77 20.44
N GLY A 185 -4.23 -7.85 21.33
CA GLY A 185 -2.85 -7.78 21.85
C GLY A 185 -2.37 -9.06 22.56
N ASP A 186 -3.25 -9.65 23.35
CA ASP A 186 -2.94 -10.87 24.07
C ASP A 186 -3.72 -12.03 23.46
N LEU A 187 -3.21 -12.51 22.32
CA LEU A 187 -3.79 -13.64 21.58
C LEU A 187 -2.60 -14.39 21.04
N THR A 188 -2.67 -15.71 21.14
CA THR A 188 -1.61 -16.63 20.72
C THR A 188 -1.93 -17.14 19.33
N GLY A 189 -0.94 -17.80 18.73
CA GLY A 189 -1.05 -18.36 17.38
C GLY A 189 -2.20 -19.36 17.30
N LYS A 190 -2.39 -20.14 18.33
CA LYS A 190 -3.48 -21.08 18.37
C LYS A 190 -4.81 -20.39 18.36
N GLN A 191 -4.85 -19.08 18.64
CA GLN A 191 -6.13 -18.38 18.70
C GLN A 191 -6.42 -17.61 17.47
N THR A 192 -5.38 -17.37 16.67
CA THR A 192 -5.55 -16.50 15.53
C THR A 192 -5.97 -17.24 14.25
N HIS A 193 -5.63 -18.51 14.17
CA HIS A 193 -6.08 -19.30 13.05
C HIS A 193 -6.76 -20.58 13.42
N LYS A 194 -7.39 -21.16 12.43
CA LYS A 194 -8.07 -22.40 12.59
C LYS A 194 -7.72 -23.32 11.40
N ARG A 195 -7.70 -24.63 11.60
CA ARG A 195 -7.32 -25.56 10.53
C ARG A 195 -8.46 -26.49 10.07
N GLN A 196 -8.54 -26.71 8.77
CA GLN A 196 -9.67 -27.41 8.21
C GLN A 196 -9.06 -28.45 7.31
N CYS A 197 -9.29 -29.71 7.65
CA CYS A 197 -8.65 -30.82 6.93
C CYS A 197 -9.67 -31.53 6.06
N PHE A 198 -9.20 -31.98 4.90
CA PHE A 198 -10.02 -32.78 4.05
C PHE A 198 -9.22 -34.05 3.76
N VAL A 199 -9.81 -35.18 4.16
CA VAL A 199 -9.14 -36.45 4.02
C VAL A 199 -9.93 -37.46 3.26
N VAL A 200 -9.20 -38.12 2.38
CA VAL A 200 -9.74 -39.24 1.62
C VAL A 200 -9.11 -40.56 2.16
N ALA A 201 -9.92 -41.42 2.78
CA ALA A 201 -9.41 -42.64 3.46
C ALA A 201 -10.55 -43.62 3.69
N ASP A 202 -10.19 -44.91 3.73
CA ASP A 202 -11.16 -45.97 3.98
C ASP A 202 -11.92 -45.74 5.24
N ALA A 203 -13.23 -45.93 5.16
CA ALA A 203 -14.05 -45.73 6.33
C ALA A 203 -13.57 -46.53 7.54
N ALA A 204 -12.98 -47.70 7.31
CA ALA A 204 -12.47 -48.51 8.43
C ALA A 204 -11.47 -47.75 9.29
N ASP A 205 -10.67 -46.91 8.65
CA ASP A 205 -9.64 -46.14 9.32
C ASP A 205 -9.98 -44.74 9.89
N HIS A 206 -11.17 -44.22 9.60
CA HIS A 206 -11.59 -42.88 10.10
C HIS A 206 -11.38 -42.50 11.55
N GLU A 207 -11.73 -43.38 12.47
CA GLU A 207 -11.50 -43.08 13.88
C GLU A 207 -10.00 -42.96 14.27
N ARG A 208 -9.11 -43.80 13.73
CA ARG A 208 -7.70 -43.78 14.14
C ARG A 208 -7.04 -42.50 13.63
N ILE A 209 -7.22 -42.30 12.33
CA ILE A 209 -6.82 -41.08 11.64
C ILE A 209 -7.31 -39.81 12.35
N GLU A 210 -8.62 -39.66 12.49
CA GLU A 210 -9.08 -38.45 13.12
C GLU A 210 -8.38 -38.25 14.45
N ASN A 211 -8.06 -39.35 15.13
CA ASN A 211 -7.36 -39.26 16.40
C ASN A 211 -5.91 -38.88 16.20
N ASP A 212 -5.29 -39.53 15.22
CA ASP A 212 -3.95 -39.24 14.88
C ASP A 212 -3.81 -37.78 14.53
N ILE A 213 -4.84 -37.18 13.92
CA ILE A 213 -4.80 -35.74 13.59
C ILE A 213 -4.85 -34.81 14.82
N ARG A 214 -5.97 -34.83 15.51
CA ARG A 214 -6.19 -33.96 16.66
C ARG A 214 -5.13 -34.04 17.80
N THR A 215 -4.28 -35.06 17.76
CA THR A 215 -3.27 -35.19 18.79
C THR A 215 -1.90 -34.97 18.19
N MET A 216 -1.84 -34.67 16.88
CA MET A 216 -0.56 -34.47 16.23
C MET A 216 0.19 -33.30 16.86
N PRO A 217 1.23 -33.57 17.65
CA PRO A 217 1.95 -32.52 18.33
C PRO A 217 2.65 -31.63 17.33
N ASP A 218 2.49 -30.33 17.55
CA ASP A 218 3.32 -29.29 16.92
C ASP A 218 2.69 -28.83 15.60
N TYR A 219 1.94 -29.74 15.01
CA TYR A 219 1.32 -29.51 13.69
C TYR A 219 -0.16 -29.16 13.86
N PHE A 220 -0.77 -29.76 14.87
CA PHE A 220 -2.24 -29.78 14.98
C PHE A 220 -2.72 -29.65 16.43
N VAL A 221 -1.93 -30.06 17.40
CA VAL A 221 -2.46 -29.95 18.74
C VAL A 221 -2.51 -28.52 19.23
N GLY A 222 -3.59 -28.13 19.87
CA GLY A 222 -3.70 -26.78 20.39
C GLY A 222 -4.68 -25.89 19.63
N TYR A 223 -5.02 -26.29 18.41
CA TYR A 223 -5.93 -25.53 17.54
C TYR A 223 -7.38 -25.99 17.50
N GLU A 224 -8.19 -25.15 16.84
CA GLU A 224 -9.51 -25.52 16.41
C GLU A 224 -9.32 -26.21 15.07
N VAL A 225 -9.70 -27.48 14.99
CA VAL A 225 -9.41 -28.32 13.82
C VAL A 225 -10.79 -28.85 13.43
N GLU A 226 -11.03 -28.90 12.13
CA GLU A 226 -12.27 -29.46 11.70
C GLU A 226 -11.83 -30.43 10.66
N VAL A 227 -12.48 -31.58 10.64
CA VAL A 227 -12.05 -32.70 9.81
C VAL A 227 -13.19 -33.31 8.99
N ASN A 228 -12.91 -33.56 7.71
CA ASN A 228 -13.96 -34.04 6.80
C ASN A 228 -13.37 -35.20 6.03
N PHE A 229 -14.11 -36.28 5.89
CA PHE A 229 -13.58 -37.45 5.19
C PHE A 229 -14.41 -37.47 3.95
N ILE A 230 -13.79 -37.21 2.82
CA ILE A 230 -14.55 -37.04 1.60
C ILE A 230 -14.26 -38.05 0.54
N ASP A 231 -15.19 -38.15 -0.38
CA ASP A 231 -15.07 -39.04 -1.53
C ASP A 231 -13.89 -38.66 -2.43
N GLU A 232 -13.21 -39.62 -3.06
CA GLU A 232 -12.08 -39.21 -3.89
C GLU A 232 -12.47 -38.27 -5.03
N ALA A 233 -13.67 -38.45 -5.53
CA ALA A 233 -14.22 -37.64 -6.60
C ALA A 233 -14.38 -36.16 -6.19
N THR A 234 -14.92 -35.92 -4.99
CA THR A 234 -15.08 -34.55 -4.55
C THR A 234 -13.70 -33.97 -4.24
N PHE A 235 -12.77 -34.84 -3.89
CA PHE A 235 -11.41 -34.36 -3.61
C PHE A 235 -10.73 -33.81 -4.85
N ASP A 236 -10.74 -34.65 -5.88
CA ASP A 236 -10.17 -34.31 -7.14
C ASP A 236 -10.91 -33.14 -7.76
N SER A 237 -12.24 -33.10 -7.61
CA SER A 237 -12.99 -32.05 -8.25
C SER A 237 -12.78 -30.73 -7.52
N GLU A 238 -12.79 -30.77 -6.19
CA GLU A 238 -12.64 -29.54 -5.45
C GLU A 238 -11.43 -29.20 -4.64
N HIS A 239 -10.46 -30.10 -4.52
CA HIS A 239 -9.35 -29.76 -3.68
C HIS A 239 -8.06 -29.89 -4.36
N THR A 240 -8.11 -29.58 -5.65
CA THR A 240 -6.90 -29.55 -6.46
C THR A 240 -6.32 -28.16 -6.78
N GLY A 241 -6.96 -27.11 -6.29
CA GLY A 241 -6.47 -25.74 -6.45
C GLY A 241 -5.36 -25.31 -5.48
N MET A 242 -4.79 -24.12 -5.73
CA MET A 242 -3.81 -23.52 -4.84
C MET A 242 -4.22 -22.10 -4.44
N PRO A 243 -5.34 -21.97 -3.75
CA PRO A 243 -5.75 -20.67 -3.25
C PRO A 243 -4.99 -20.25 -2.00
N HIS A 244 -5.07 -18.95 -1.74
CA HIS A 244 -4.47 -18.35 -0.57
C HIS A 244 -4.80 -16.85 -0.47
N GLY A 245 -4.23 -16.17 0.52
CA GLY A 245 -4.62 -14.81 0.77
C GLY A 245 -4.20 -14.51 2.19
N GLY A 246 -4.76 -13.45 2.75
CA GLY A 246 -4.44 -13.00 4.09
C GLY A 246 -4.88 -11.56 4.39
N HIS A 247 -4.62 -11.11 5.62
CA HIS A 247 -4.95 -9.76 6.12
C HIS A 247 -3.81 -9.16 6.91
N VAL A 248 -3.57 -7.92 6.63
CA VAL A 248 -2.66 -7.12 7.44
C VAL A 248 -3.54 -6.07 8.07
N ILE A 249 -3.61 -6.13 9.37
CA ILE A 249 -4.40 -5.18 10.13
C ILE A 249 -3.49 -4.44 11.11
N THR A 250 -3.62 -3.14 11.06
CA THR A 250 -2.86 -2.23 11.94
C THR A 250 -3.82 -1.21 12.57
N THR A 251 -3.68 -0.99 13.87
CA THR A 251 -4.50 0.01 14.54
C THR A 251 -3.56 0.95 15.26
N GLY A 252 -4.07 2.13 15.61
CA GLY A 252 -3.30 3.11 16.34
C GLY A 252 -4.29 4.08 16.99
N ASP A 253 -3.87 4.65 18.11
CA ASP A 253 -4.67 5.60 18.87
C ASP A 253 -3.98 6.97 18.80
N THR A 254 -4.78 8.01 18.60
CA THR A 254 -4.22 9.37 18.47
C THR A 254 -4.60 10.31 19.62
N GLY A 255 -5.11 9.75 20.71
CA GLY A 255 -5.53 10.56 21.85
C GLY A 255 -7.02 10.39 22.04
N GLY A 256 -7.49 9.15 22.04
CA GLY A 256 -8.89 8.94 22.22
C GLY A 256 -9.54 8.68 20.91
N PHE A 257 -8.76 8.51 19.86
CA PHE A 257 -9.38 8.30 18.53
C PHE A 257 -8.68 7.14 17.89
N ASN A 258 -9.46 6.16 17.44
CA ASN A 258 -8.87 5.01 16.80
C ASN A 258 -8.87 5.11 15.33
N HIS A 259 -7.93 4.40 14.74
CA HIS A 259 -7.78 4.28 13.29
C HIS A 259 -7.42 2.86 12.91
N THR A 260 -8.16 2.33 11.96
CA THR A 260 -7.78 1.01 11.48
C THR A 260 -7.48 0.94 9.98
N VAL A 261 -6.35 0.32 9.65
CA VAL A 261 -5.94 0.21 8.23
C VAL A 261 -5.89 -1.28 7.89
N GLU A 262 -6.73 -1.73 6.99
CA GLU A 262 -6.70 -3.14 6.72
C GLU A 262 -6.39 -3.41 5.23
N TYR A 263 -5.44 -4.33 5.01
CA TYR A 263 -5.03 -4.82 3.71
C TYR A 263 -5.40 -6.27 3.53
N ILE A 264 -6.21 -6.53 2.51
CA ILE A 264 -6.72 -7.87 2.24
C ILE A 264 -6.42 -8.42 0.88
N LEU A 265 -5.93 -9.65 0.84
CA LEU A 265 -5.68 -10.36 -0.40
C LEU A 265 -6.54 -11.62 -0.47
N LYS A 266 -7.23 -11.81 -1.58
CA LYS A 266 -7.95 -13.03 -1.92
C LYS A 266 -7.45 -13.53 -3.26
N LEU A 267 -6.69 -14.63 -3.24
CA LEU A 267 -6.10 -15.24 -4.42
C LEU A 267 -6.68 -16.63 -4.80
N ASP A 268 -7.23 -16.72 -5.99
CA ASP A 268 -7.78 -17.96 -6.47
C ASP A 268 -6.62 -18.92 -6.75
N ARG A 269 -5.43 -18.36 -6.98
CA ARG A 269 -4.29 -19.16 -7.33
C ARG A 269 -2.99 -18.47 -6.93
N ASN A 270 -2.39 -19.00 -5.88
CA ASN A 270 -1.14 -18.51 -5.32
C ASN A 270 0.02 -18.16 -6.31
N PRO A 271 0.60 -19.12 -7.05
CA PRO A 271 1.73 -18.79 -7.98
C PRO A 271 1.36 -17.76 -9.09
N ASP A 272 0.10 -17.65 -9.47
CA ASP A 272 -0.32 -16.63 -10.49
C ASP A 272 -0.13 -15.21 -9.90
N PHE A 273 -0.68 -14.95 -8.71
CA PHE A 273 -0.44 -13.67 -8.08
C PHE A 273 1.02 -13.43 -7.73
N THR A 274 1.70 -14.47 -7.26
CA THR A 274 3.12 -14.33 -6.95
C THR A 274 3.89 -13.98 -8.22
N ALA A 275 3.53 -14.61 -9.34
CA ALA A 275 4.18 -14.27 -10.63
C ALA A 275 3.89 -12.81 -10.94
N SER A 276 2.66 -12.41 -10.72
CA SER A 276 2.29 -11.01 -10.99
C SER A 276 3.17 -9.95 -10.34
N SER A 277 3.62 -10.20 -9.11
CA SER A 277 4.46 -9.22 -8.44
C SER A 277 5.80 -9.30 -9.00
N GLN A 278 6.28 -10.53 -9.08
CA GLN A 278 7.64 -10.79 -9.49
C GLN A 278 7.88 -10.09 -10.83
N ILE A 279 6.90 -10.23 -11.72
CA ILE A 279 7.03 -9.61 -13.03
C ILE A 279 7.15 -8.05 -12.88
N ALA A 280 6.26 -7.46 -12.08
CA ALA A 280 6.28 -6.01 -11.87
C ALA A 280 7.59 -5.53 -11.27
N PHE A 281 8.17 -6.32 -10.37
CA PHE A 281 9.45 -5.95 -9.81
C PHE A 281 10.56 -6.19 -10.78
N GLY A 282 10.34 -7.06 -11.77
CA GLY A 282 11.35 -7.23 -12.82
C GLY A 282 11.53 -5.95 -13.66
N ARG A 283 10.40 -5.38 -14.12
CA ARG A 283 10.36 -4.06 -14.80
C ARG A 283 11.08 -3.02 -13.92
N ALA A 284 10.76 -2.92 -12.62
CA ALA A 284 11.51 -2.01 -11.79
C ALA A 284 13.00 -2.30 -11.79
N ALA A 285 13.39 -3.57 -11.74
CA ALA A 285 14.82 -3.82 -11.72
C ALA A 285 15.51 -3.26 -12.97
N HIS A 286 14.88 -3.51 -14.13
CA HIS A 286 15.46 -3.08 -15.39
C HIS A 286 15.65 -1.54 -15.40
N ARG A 287 14.61 -0.82 -14.95
CA ARG A 287 14.66 0.67 -14.89
C ARG A 287 15.70 1.18 -13.91
N MET A 288 15.90 0.45 -12.83
CA MET A 288 16.89 0.83 -11.86
C MET A 288 18.31 0.71 -12.38
N LYS A 289 18.59 -0.34 -13.14
CA LYS A 289 19.93 -0.47 -13.68
C LYS A 289 20.10 0.54 -14.84
N GLN A 290 18.99 0.85 -15.49
CA GLN A 290 19.03 1.85 -16.55
C GLN A 290 19.39 3.19 -15.98
N GLN A 291 19.05 3.42 -14.72
CA GLN A 291 19.47 4.65 -14.06
C GLN A 291 20.81 4.58 -13.38
N GLY A 292 21.63 3.60 -13.72
CA GLY A 292 22.96 3.53 -13.12
C GLY A 292 23.09 3.00 -11.71
N GLN A 293 22.02 2.47 -11.17
CA GLN A 293 22.07 1.84 -9.87
C GLN A 293 22.59 0.40 -9.95
N SER A 294 23.15 -0.12 -8.86
CA SER A 294 23.49 -1.53 -8.79
C SER A 294 23.50 -2.11 -7.35
N GLY A 295 23.40 -3.44 -7.21
CA GLY A 295 23.38 -4.03 -5.86
C GLY A 295 22.06 -4.73 -5.71
N ALA A 296 21.76 -5.18 -4.49
CA ALA A 296 20.52 -5.90 -4.21
C ALA A 296 19.58 -5.02 -3.39
N PHE A 297 18.29 -5.09 -3.64
CA PHE A 297 17.38 -4.27 -2.83
C PHE A 297 16.17 -5.10 -2.51
N THR A 298 15.49 -4.73 -1.43
CA THR A 298 14.26 -5.41 -1.06
C THR A 298 13.11 -4.63 -1.63
N VAL A 299 11.91 -5.17 -1.55
CA VAL A 299 10.75 -4.40 -1.93
C VAL A 299 10.57 -3.06 -1.14
N LEU A 300 11.32 -2.82 -0.08
CA LEU A 300 11.07 -1.62 0.69
C LEU A 300 11.82 -0.42 0.11
N GLU A 301 12.73 -0.70 -0.80
CA GLU A 301 13.61 0.29 -1.35
C GLU A 301 13.26 0.68 -2.78
N VAL A 302 12.05 0.36 -3.26
CA VAL A 302 11.73 0.74 -4.63
C VAL A 302 10.50 1.60 -4.62
N ALA A 303 10.62 2.79 -5.22
CA ALA A 303 9.48 3.68 -5.37
C ALA A 303 8.40 2.98 -6.19
N PRO A 304 7.18 3.21 -5.77
CA PRO A 304 6.05 2.59 -6.41
C PRO A 304 5.93 2.75 -7.92
N TYR A 305 6.15 3.95 -8.47
CA TYR A 305 5.88 4.20 -9.89
C TYR A 305 6.72 3.31 -10.76
N LEU A 306 7.78 2.75 -10.18
CA LEU A 306 8.77 1.95 -10.92
C LEU A 306 8.22 0.63 -11.45
N LEU A 307 7.22 0.12 -10.78
CA LEU A 307 6.60 -1.14 -11.17
C LEU A 307 5.63 -0.95 -12.33
N SER A 308 5.29 0.29 -12.59
CA SER A 308 4.26 0.57 -13.60
C SER A 308 4.79 0.61 -15.02
N PRO A 309 3.96 0.09 -15.92
CA PRO A 309 4.26 0.18 -17.33
C PRO A 309 3.80 1.55 -17.91
N GLU A 310 2.93 2.30 -17.22
CA GLU A 310 2.53 3.63 -17.68
C GLU A 310 3.67 4.55 -17.38
N ASN A 311 3.68 5.70 -18.06
CA ASN A 311 4.65 6.76 -17.84
C ASN A 311 4.21 7.51 -16.56
N LEU A 312 5.22 8.02 -15.81
CA LEU A 312 4.96 8.73 -14.56
C LEU A 312 3.86 9.81 -14.66
N ASP A 313 3.96 10.66 -15.67
CA ASP A 313 3.07 11.82 -15.78
C ASP A 313 1.67 11.35 -15.90
N ASP A 314 1.49 10.26 -16.63
CA ASP A 314 0.18 9.69 -16.77
C ASP A 314 -0.38 9.14 -15.46
N LEU A 315 0.51 8.49 -14.68
CA LEU A 315 0.12 8.02 -13.34
C LEU A 315 -0.24 9.28 -12.50
N ILE A 316 0.65 10.28 -12.50
CA ILE A 316 0.37 11.45 -11.69
C ILE A 316 -0.96 12.13 -12.07
N ALA A 317 -1.26 12.14 -13.36
CA ALA A 317 -2.48 12.78 -13.79
C ALA A 317 -3.73 12.01 -13.50
N ARG A 318 -3.65 10.69 -13.38
CA ARG A 318 -4.92 9.99 -13.28
C ARG A 318 -5.19 9.39 -11.89
N ASP A 319 -4.14 8.95 -11.21
CA ASP A 319 -4.36 8.06 -10.06
C ASP A 319 -4.06 8.69 -8.77
N VAL A 320 -3.37 9.81 -8.78
CA VAL A 320 -2.98 10.39 -7.54
C VAL A 320 -4.18 11.11 -6.89
N MET B 1 22.79 13.17 15.77
CA MET B 1 22.95 14.16 14.68
C MET B 1 22.12 15.46 14.87
N THR B 2 20.81 15.48 14.62
CA THR B 2 20.01 14.38 14.08
C THR B 2 18.53 14.77 14.12
N ASN B 3 18.08 15.35 15.25
CA ASN B 3 16.64 15.70 15.46
C ASN B 3 16.08 16.76 14.48
N ILE B 4 15.19 16.37 13.57
CA ILE B 4 14.63 17.26 12.52
C ILE B 4 13.82 18.44 13.10
N ARG B 5 14.10 19.64 12.58
CA ARG B 5 13.42 20.85 13.04
C ARG B 5 12.31 21.24 12.12
N VAL B 6 11.16 21.35 12.74
CA VAL B 6 9.87 21.39 12.09
C VAL B 6 8.92 22.50 12.55
N ALA B 7 8.13 22.99 11.58
CA ALA B 7 7.12 24.05 11.81
C ALA B 7 5.87 23.87 10.98
N ILE B 8 4.77 24.32 11.57
CA ILE B 8 3.41 24.34 10.98
C ILE B 8 2.98 25.71 10.37
N VAL B 9 2.23 25.66 9.28
CA VAL B 9 1.70 26.85 8.62
C VAL B 9 0.17 26.61 8.38
N GLY B 10 -0.70 27.36 9.08
CA GLY B 10 -2.16 27.22 8.97
C GLY B 10 -2.60 26.48 10.23
N TYR B 11 -3.38 27.11 11.09
CA TYR B 11 -3.61 26.41 12.32
C TYR B 11 -5.02 26.02 12.45
N GLY B 12 -5.52 25.22 11.55
CA GLY B 12 -6.95 24.92 11.55
C GLY B 12 -6.99 23.49 12.11
N ASN B 13 -8.04 22.72 11.78
CA ASN B 13 -8.10 21.32 12.21
C ASN B 13 -6.84 20.48 11.93
N LEU B 14 -6.38 20.50 10.68
CA LEU B 14 -5.17 19.75 10.36
C LEU B 14 -3.99 20.25 11.20
N GLY B 15 -3.76 21.55 11.19
CA GLY B 15 -2.58 22.09 11.87
C GLY B 15 -2.60 21.70 13.33
N ARG B 16 -3.76 21.64 13.96
CA ARG B 16 -3.81 21.24 15.37
C ARG B 16 -3.45 19.77 15.53
N SER B 17 -3.92 18.94 14.59
CA SER B 17 -3.59 17.51 14.62
C SER B 17 -2.11 17.32 14.45
N VAL B 18 -1.48 18.10 13.58
CA VAL B 18 -0.06 17.89 13.44
C VAL B 18 0.70 18.29 14.65
N GLU B 19 0.18 19.32 15.32
CA GLU B 19 0.84 19.77 16.57
C GLU B 19 0.88 18.61 17.61
N LYS B 20 -0.32 18.16 18.01
CA LYS B 20 -0.54 17.03 18.86
C LYS B 20 0.44 15.90 18.50
N LEU B 21 0.41 15.45 17.26
CA LEU B 21 1.18 14.27 16.86
C LEU B 21 2.69 14.39 16.77
N ILE B 22 3.23 15.58 16.66
CA ILE B 22 4.67 15.67 16.65
C ILE B 22 5.28 15.22 18.00
N ALA B 23 4.52 15.36 19.06
CA ALA B 23 4.98 14.90 20.34
C ALA B 23 5.34 13.38 20.31
N LYS B 24 4.49 12.61 19.67
CA LYS B 24 4.67 11.19 19.51
C LYS B 24 5.92 10.73 18.72
N GLN B 25 6.65 11.65 18.09
CA GLN B 25 7.80 11.26 17.27
C GLN B 25 9.12 11.33 18.01
N PRO B 26 10.00 10.36 17.76
CA PRO B 26 11.31 10.38 18.40
C PRO B 26 12.34 11.34 17.79
N ASP B 27 12.11 11.83 16.60
CA ASP B 27 13.20 12.52 15.94
C ASP B 27 12.81 13.87 15.41
N MET B 28 11.82 14.50 16.05
CA MET B 28 11.39 15.82 15.59
C MET B 28 11.18 16.80 16.77
N ASP B 29 11.55 18.04 16.50
CA ASP B 29 11.38 19.15 17.42
C ASP B 29 10.53 20.20 16.71
N LEU B 30 9.33 20.49 17.25
CA LEU B 30 8.45 21.50 16.69
C LEU B 30 8.95 22.90 17.05
N VAL B 31 9.44 23.69 16.09
CA VAL B 31 9.97 24.99 16.47
C VAL B 31 8.95 26.11 16.59
N GLY B 32 7.81 25.98 15.92
CA GLY B 32 6.78 27.01 16.06
C GLY B 32 5.59 26.86 15.12
N ILE B 33 4.74 27.89 15.10
CA ILE B 33 3.57 27.97 14.20
C ILE B 33 3.45 29.31 13.46
N PHE B 34 3.16 29.27 12.16
CA PHE B 34 3.13 30.48 11.36
C PHE B 34 1.71 30.62 10.95
N SER B 35 1.07 31.68 11.41
CA SER B 35 -0.37 31.81 11.24
C SER B 35 -0.72 33.23 10.77
N ARG B 36 -1.86 33.37 10.10
CA ARG B 36 -2.37 34.68 9.74
C ARG B 36 -3.06 35.37 10.95
N ARG B 37 -3.27 34.63 12.03
CA ARG B 37 -4.01 35.13 13.18
C ARG B 37 -3.04 35.43 14.29
N ALA B 38 -3.39 36.36 15.15
CA ALA B 38 -2.41 36.78 16.17
C ALA B 38 -2.48 35.86 17.35
N THR B 39 -3.72 35.57 17.75
CA THR B 39 -3.84 34.87 18.96
C THR B 39 -4.45 33.53 18.84
N LEU B 40 -3.59 32.56 19.12
CA LEU B 40 -3.88 31.17 19.01
C LEU B 40 -3.80 30.61 20.41
N ASP B 41 -4.66 29.65 20.70
CA ASP B 41 -4.62 29.06 22.00
C ASP B 41 -3.72 27.86 22.05
N THR B 42 -2.44 28.10 22.30
CA THR B 42 -1.50 27.03 22.34
C THR B 42 -0.30 27.63 22.99
N LYS B 43 0.56 26.79 23.54
CA LYS B 43 1.73 27.28 24.23
C LYS B 43 2.88 27.24 23.24
N THR B 44 2.64 26.72 22.04
CA THR B 44 3.73 26.70 21.04
C THR B 44 3.94 28.14 20.65
N PRO B 45 5.16 28.52 20.32
CA PRO B 45 5.39 29.88 19.90
C PRO B 45 4.64 30.10 18.59
N VAL B 46 4.04 31.27 18.42
CA VAL B 46 3.42 31.58 17.14
C VAL B 46 4.13 32.65 16.38
N PHE B 47 4.12 32.55 15.06
CA PHE B 47 4.74 33.53 14.22
C PHE B 47 3.83 34.08 13.13
N ASP B 48 4.24 35.22 12.63
CA ASP B 48 3.55 35.82 11.53
C ASP B 48 4.04 35.02 10.35
N VAL B 49 3.09 34.54 9.57
CA VAL B 49 3.36 33.88 8.31
C VAL B 49 4.20 34.78 7.35
N ALA B 50 4.21 36.09 7.62
CA ALA B 50 4.98 36.95 6.75
C ALA B 50 6.39 36.94 7.20
N ASP B 51 6.66 36.37 8.36
CA ASP B 51 8.01 36.33 8.84
C ASP B 51 8.84 35.05 8.59
N VAL B 52 8.33 34.09 7.80
CA VAL B 52 9.02 32.78 7.57
C VAL B 52 10.45 33.01 7.15
N ASP B 53 10.52 33.89 6.17
CA ASP B 53 11.66 34.68 5.78
C ASP B 53 12.77 34.55 6.86
N LYS B 54 12.49 34.99 8.08
CA LYS B 54 13.49 35.00 9.12
C LYS B 54 13.84 33.70 9.86
N HIS B 55 13.10 32.65 9.61
CA HIS B 55 13.29 31.43 10.38
C HIS B 55 13.81 30.31 9.49
N ALA B 56 14.07 30.69 8.25
CA ALA B 56 14.42 29.76 7.19
C ALA B 56 15.59 28.96 7.62
N ASP B 57 16.43 29.60 8.39
CA ASP B 57 17.65 28.93 8.80
C ASP B 57 17.50 27.94 9.95
N ASP B 58 16.35 27.88 10.59
CA ASP B 58 16.26 27.00 11.72
C ASP B 58 15.13 26.04 11.67
N VAL B 59 14.62 25.82 10.47
CA VAL B 59 13.61 24.79 10.31
C VAL B 59 14.09 23.97 9.15
N ASP B 60 13.92 22.65 9.26
CA ASP B 60 14.30 21.72 8.22
C ASP B 60 13.08 21.40 7.41
N VAL B 61 11.91 21.50 8.00
CA VAL B 61 10.74 21.28 7.20
C VAL B 61 9.45 21.85 7.79
N LEU B 62 8.72 22.41 6.83
CA LEU B 62 7.45 23.16 7.01
C LEU B 62 6.21 22.33 6.59
N PHE B 63 5.27 22.17 7.51
CA PHE B 63 4.01 21.48 7.18
C PHE B 63 2.98 22.52 6.77
N LEU B 64 2.48 22.40 5.55
CA LEU B 64 1.54 23.36 5.01
C LEU B 64 0.14 22.87 5.27
N CYS B 65 -0.54 23.54 6.19
CA CYS B 65 -1.87 23.09 6.57
C CYS B 65 -2.97 24.12 6.31
N MET B 66 -2.81 24.91 5.24
CA MET B 66 -3.88 25.86 4.82
C MET B 66 -4.87 25.19 3.85
N GLY B 67 -6.00 25.87 3.56
CA GLY B 67 -7.13 25.32 2.80
C GLY B 67 -6.71 25.04 1.38
N SER B 68 -7.20 23.95 0.81
CA SER B 68 -6.80 23.51 -0.53
C SER B 68 -7.59 24.35 -1.50
N ALA B 69 -8.91 24.43 -1.28
CA ALA B 69 -9.78 25.19 -2.16
C ALA B 69 -9.22 26.54 -2.58
N THR B 70 -8.66 27.32 -1.67
CA THR B 70 -8.23 28.65 -2.05
C THR B 70 -6.81 28.99 -1.68
N ASP B 71 -6.35 28.56 -0.52
CA ASP B 71 -5.03 28.99 -0.09
C ASP B 71 -3.86 28.39 -0.80
N ILE B 72 -3.83 27.08 -0.85
CA ILE B 72 -2.66 26.36 -1.31
C ILE B 72 -2.11 26.93 -2.63
N PRO B 73 -2.98 27.04 -3.66
CA PRO B 73 -2.53 27.36 -5.02
C PRO B 73 -1.63 28.57 -5.23
N GLU B 74 -1.87 29.65 -4.52
CA GLU B 74 -0.91 30.73 -4.64
C GLU B 74 0.11 30.78 -3.52
N GLN B 75 -0.30 30.42 -2.31
CA GLN B 75 0.62 30.48 -1.18
C GLN B 75 1.76 29.48 -1.20
N ALA B 76 1.45 28.21 -1.45
CA ALA B 76 2.45 27.17 -1.26
C ALA B 76 3.83 27.39 -1.82
N PRO B 77 3.86 27.72 -3.10
CA PRO B 77 5.14 27.77 -3.83
C PRO B 77 6.12 28.69 -3.17
N LYS B 78 5.61 29.67 -2.44
CA LYS B 78 6.52 30.58 -1.80
C LYS B 78 7.16 29.97 -0.56
N PHE B 79 6.48 29.02 0.06
CA PHE B 79 7.13 28.36 1.17
C PHE B 79 8.37 27.46 0.79
N ALA B 80 8.32 26.93 -0.44
CA ALA B 80 9.34 26.01 -0.94
C ALA B 80 10.72 26.66 -0.96
N GLN B 81 10.70 27.97 -1.07
CA GLN B 81 11.95 28.75 -1.03
C GLN B 81 12.73 28.62 0.25
N PHE B 82 12.05 28.43 1.38
CA PHE B 82 12.75 28.48 2.66
C PHE B 82 13.12 27.19 3.36
N ALA B 83 12.61 26.06 2.89
CA ALA B 83 12.84 24.76 3.52
C ALA B 83 12.05 23.69 2.74
N CYS B 84 12.22 22.44 3.16
CA CYS B 84 11.42 21.36 2.60
C CYS B 84 10.00 21.66 3.01
N THR B 85 9.04 21.27 2.17
CA THR B 85 7.62 21.43 2.48
C THR B 85 6.78 20.15 2.24
N VAL B 86 5.65 20.07 2.93
CA VAL B 86 4.75 18.93 2.80
C VAL B 86 3.31 19.38 2.86
N ASP B 87 2.59 19.08 1.78
CA ASP B 87 1.16 19.45 1.75
C ASP B 87 0.25 18.24 1.58
N THR B 88 -1.05 18.44 1.84
CA THR B 88 -2.05 17.42 1.57
C THR B 88 -3.03 17.90 0.52
N TYR B 89 -2.52 18.59 -0.50
CA TYR B 89 -3.30 19.20 -1.57
C TYR B 89 -4.22 18.19 -2.21
N ASP B 90 -5.52 18.51 -2.30
CA ASP B 90 -6.54 17.53 -2.66
C ASP B 90 -7.32 17.65 -3.97
N ASN B 91 -7.10 18.72 -4.74
CA ASN B 91 -7.81 18.93 -5.97
C ASN B 91 -7.10 18.13 -7.07
N HIS B 92 -7.66 16.96 -7.34
CA HIS B 92 -7.03 15.98 -8.23
C HIS B 92 -6.72 16.52 -9.63
N ARG B 93 -7.68 17.26 -10.17
CA ARG B 93 -7.58 17.77 -11.51
C ARG B 93 -6.55 18.90 -11.62
N ASP B 94 -6.06 19.34 -10.49
CA ASP B 94 -5.09 20.40 -10.50
C ASP B 94 -3.73 19.97 -9.94
N ILE B 95 -3.56 18.69 -9.72
CA ILE B 95 -2.31 18.23 -9.10
C ILE B 95 -1.04 18.31 -9.92
N PRO B 96 -1.07 17.79 -11.15
CA PRO B 96 0.11 17.93 -12.04
C PRO B 96 0.68 19.36 -12.15
N ARG B 97 -0.21 20.39 -12.21
CA ARG B 97 0.18 21.79 -12.29
C ARG B 97 0.86 22.25 -11.02
N HIS B 98 0.17 22.01 -9.91
CA HIS B 98 0.74 22.24 -8.57
C HIS B 98 2.11 21.66 -8.48
N ARG B 99 2.25 20.44 -8.91
CA ARG B 99 3.55 19.84 -8.82
C ARG B 99 4.65 20.58 -9.65
N GLN B 100 4.25 21.05 -10.81
CA GLN B 100 5.18 21.74 -11.67
C GLN B 100 5.67 22.95 -10.95
N VAL B 101 4.72 23.75 -10.45
CA VAL B 101 5.22 25.00 -9.91
C VAL B 101 5.97 24.72 -8.65
N MET B 102 5.51 23.75 -7.87
CA MET B 102 6.26 23.49 -6.66
C MET B 102 7.66 23.01 -7.04
N ASN B 103 7.77 22.23 -8.12
CA ASN B 103 9.10 21.72 -8.47
C ASN B 103 10.09 22.83 -8.74
N GLU B 104 9.62 23.78 -9.52
CA GLU B 104 10.48 24.87 -9.86
C GLU B 104 10.99 25.67 -8.66
N ALA B 105 10.12 25.91 -7.69
CA ALA B 105 10.50 26.70 -6.52
C ALA B 105 11.47 25.87 -5.69
N ALA B 106 11.21 24.58 -5.59
CA ALA B 106 12.03 23.67 -4.80
C ALA B 106 13.42 23.56 -5.40
N THR B 107 13.46 23.18 -6.68
CA THR B 107 14.73 22.96 -7.39
C THR B 107 15.58 24.21 -7.31
N ALA B 108 14.98 25.38 -7.47
CA ALA B 108 15.71 26.64 -7.30
C ALA B 108 16.41 26.79 -5.96
N ALA B 109 15.66 26.65 -4.86
CA ALA B 109 16.23 26.87 -3.52
C ALA B 109 16.99 25.66 -3.01
N GLY B 110 16.99 24.59 -3.82
CA GLY B 110 17.66 23.34 -3.45
C GLY B 110 16.91 22.51 -2.37
N ASN B 111 15.59 22.65 -2.31
CA ASN B 111 14.85 21.98 -1.27
C ASN B 111 14.13 20.75 -1.78
N VAL B 112 13.33 20.13 -0.92
CA VAL B 112 12.45 19.05 -1.37
C VAL B 112 11.03 19.33 -0.90
N ALA B 113 10.09 19.27 -1.83
CA ALA B 113 8.71 19.46 -1.49
C ALA B 113 7.95 18.17 -1.85
N LEU B 114 7.15 17.70 -0.91
CA LEU B 114 6.28 16.55 -1.09
C LEU B 114 4.85 17.08 -1.18
N VAL B 115 4.17 16.76 -2.28
CA VAL B 115 2.87 17.32 -2.57
C VAL B 115 1.81 16.31 -2.42
N SER B 116 0.60 16.79 -2.11
CA SER B 116 -0.56 15.94 -2.08
C SER B 116 -0.39 14.64 -1.30
N THR B 117 -0.03 14.74 -0.03
CA THR B 117 0.02 13.55 0.79
C THR B 117 -1.29 13.55 1.58
N GLY B 118 -1.44 12.59 2.51
CA GLY B 118 -2.70 12.34 3.22
C GLY B 118 -3.23 10.93 2.91
N TRP B 119 -4.54 10.73 2.95
CA TRP B 119 -5.07 9.43 2.64
C TRP B 119 -5.66 9.32 1.17
N ASP B 120 -6.34 10.37 0.71
CA ASP B 120 -6.77 10.44 -0.70
C ASP B 120 -6.92 11.94 -1.03
N PRO B 121 -5.87 12.50 -1.62
CA PRO B 121 -4.71 11.76 -2.12
C PRO B 121 -3.76 11.41 -1.02
N GLY B 122 -2.94 10.41 -1.32
CA GLY B 122 -1.94 9.89 -0.41
C GLY B 122 -1.89 8.35 -0.39
N MET B 123 -2.39 7.74 0.68
CA MET B 123 -2.29 6.31 0.81
C MET B 123 -3.12 5.65 -0.31
N PHE B 124 -4.33 6.17 -0.55
CA PHE B 124 -5.18 5.63 -1.60
C PHE B 124 -4.50 5.67 -3.00
N SER B 125 -3.85 6.75 -3.33
CA SER B 125 -3.09 6.81 -4.55
C SER B 125 -2.04 5.71 -4.58
N ILE B 126 -1.28 5.52 -3.50
CA ILE B 126 -0.24 4.51 -3.58
C ILE B 126 -0.87 3.10 -3.82
N ASN B 127 -1.96 2.86 -3.13
CA ASN B 127 -2.52 1.57 -3.25
C ASN B 127 -3.03 1.32 -4.64
N ARG B 128 -3.75 2.31 -5.21
CA ARG B 128 -4.23 2.27 -6.59
C ARG B 128 -3.11 1.82 -7.55
N VAL B 129 -2.00 2.51 -7.44
CA VAL B 129 -0.86 2.20 -8.24
C VAL B 129 -0.28 0.78 -8.04
N TYR B 130 0.01 0.37 -6.80
CA TYR B 130 0.59 -0.97 -6.62
C TYR B 130 -0.34 -2.02 -7.21
N ALA B 131 -1.62 -1.93 -6.90
CA ALA B 131 -2.57 -2.92 -7.38
C ALA B 131 -2.80 -2.95 -8.94
N ALA B 132 -2.92 -1.80 -9.58
CA ALA B 132 -3.15 -1.81 -10.99
C ALA B 132 -1.88 -2.27 -11.68
N ALA B 133 -0.72 -2.04 -11.07
CA ALA B 133 0.53 -2.47 -11.72
C ALA B 133 0.65 -3.94 -11.63
N VAL B 134 0.29 -4.46 -10.47
CA VAL B 134 0.60 -5.82 -10.23
C VAL B 134 -0.35 -6.59 -11.03
N LEU B 135 -1.61 -6.23 -11.00
CA LEU B 135 -2.55 -6.96 -11.85
C LEU B 135 -2.90 -6.42 -13.20
N ALA B 136 -2.18 -6.89 -14.21
CA ALA B 136 -2.27 -6.42 -15.58
C ALA B 136 -3.62 -6.15 -16.13
N GLU B 137 -4.51 -7.12 -16.03
CA GLU B 137 -5.85 -6.90 -16.48
C GLU B 137 -6.67 -6.72 -15.20
N HIS B 138 -7.24 -5.54 -14.96
CA HIS B 138 -7.95 -5.32 -13.71
C HIS B 138 -9.11 -4.35 -13.80
N GLN B 139 -9.92 -4.30 -12.77
CA GLN B 139 -10.94 -3.28 -12.60
C GLN B 139 -10.73 -2.69 -11.21
N GLN B 140 -10.84 -1.37 -11.10
CA GLN B 140 -10.46 -0.63 -9.91
C GLN B 140 -11.46 0.48 -9.61
N HIS B 141 -11.85 0.63 -8.33
CA HIS B 141 -12.83 1.62 -7.87
C HIS B 141 -12.47 2.13 -6.53
N THR B 142 -12.85 3.34 -6.26
CA THR B 142 -12.63 3.85 -4.96
C THR B 142 -13.85 4.45 -4.36
N PHE B 143 -13.97 4.31 -3.07
CA PHE B 143 -15.18 4.77 -2.44
C PHE B 143 -14.79 5.49 -1.20
N TRP B 144 -15.40 6.65 -1.00
CA TRP B 144 -15.12 7.43 0.20
C TRP B 144 -16.36 7.43 1.14
N GLY B 145 -16.05 7.43 2.44
CA GLY B 145 -17.08 7.77 3.42
C GLY B 145 -17.83 6.52 3.80
N PRO B 146 -19.06 6.74 4.27
CA PRO B 146 -19.60 7.92 4.92
C PRO B 146 -18.66 8.53 5.95
N GLY B 147 -18.48 9.86 5.84
CA GLY B 147 -17.57 10.61 6.70
C GLY B 147 -17.61 12.07 6.30
N LEU B 148 -16.86 12.85 7.05
CA LEU B 148 -16.76 14.29 6.90
C LEU B 148 -15.56 14.63 5.99
N SER B 149 -15.84 15.28 4.86
CA SER B 149 -14.75 15.76 4.00
C SER B 149 -14.21 17.15 4.41
N GLN B 150 -12.93 17.18 4.80
CA GLN B 150 -12.27 18.40 5.24
C GLN B 150 -12.13 19.42 4.12
N GLY B 151 -11.68 18.97 2.94
CA GLY B 151 -11.55 19.88 1.80
C GLY B 151 -12.93 20.47 1.42
N HIS B 152 -13.95 19.65 1.39
CA HIS B 152 -15.28 20.09 1.05
C HIS B 152 -15.87 21.01 2.11
N SER B 153 -15.55 20.74 3.35
CA SER B 153 -16.05 21.61 4.39
C SER B 153 -15.36 23.02 4.37
N ASP B 154 -14.07 23.01 4.18
CA ASP B 154 -13.40 24.27 4.11
C ASP B 154 -13.88 25.08 2.86
N ALA B 155 -14.16 24.40 1.73
CA ALA B 155 -14.71 25.01 0.49
C ALA B 155 -16.05 25.73 0.72
N LEU B 156 -17.03 25.04 1.29
CA LEU B 156 -18.34 25.62 1.58
C LEU B 156 -18.12 26.88 2.41
N ARG B 157 -17.20 26.76 3.35
CA ARG B 157 -17.03 27.83 4.31
C ARG B 157 -16.46 29.09 3.66
N ARG B 158 -15.80 28.93 2.51
CA ARG B 158 -15.28 30.15 1.87
C ARG B 158 -16.33 30.84 1.00
N ILE B 159 -17.59 30.42 1.10
CA ILE B 159 -18.70 31.06 0.39
C ILE B 159 -19.32 32.13 1.28
N PRO B 160 -19.32 33.35 0.79
CA PRO B 160 -19.73 34.50 1.56
C PRO B 160 -21.12 34.34 2.08
N GLY B 161 -21.28 34.58 3.38
CA GLY B 161 -22.61 34.46 3.96
C GLY B 161 -22.88 33.09 4.64
N VAL B 162 -21.94 32.16 4.52
CA VAL B 162 -22.02 30.87 5.19
C VAL B 162 -21.44 31.16 6.56
N GLN B 163 -22.25 31.01 7.60
CA GLN B 163 -21.72 31.26 8.96
C GLN B 163 -20.97 30.00 9.45
N LYS B 164 -21.65 28.85 9.33
CA LYS B 164 -21.07 27.55 9.64
C LYS B 164 -21.39 26.56 8.54
N ALA B 165 -20.48 25.62 8.33
CA ALA B 165 -20.78 24.51 7.41
C ALA B 165 -19.97 23.25 7.49
N VAL B 166 -20.59 22.16 7.09
CA VAL B 166 -19.90 20.90 7.01
C VAL B 166 -20.46 20.06 5.81
N GLN B 167 -19.64 19.20 5.21
CA GLN B 167 -20.13 18.35 4.12
C GLN B 167 -19.86 16.87 4.40
N TYR B 168 -20.84 16.02 4.13
CA TYR B 168 -20.62 14.60 4.29
C TYR B 168 -20.66 13.93 2.94
N THR B 169 -19.76 12.99 2.76
CA THR B 169 -19.77 12.24 1.54
C THR B 169 -20.39 10.86 1.77
N LEU B 170 -21.35 10.48 0.96
CA LEU B 170 -21.99 9.20 1.15
C LEU B 170 -21.84 8.32 -0.07
N PRO B 171 -21.22 7.16 0.13
CA PRO B 171 -20.96 6.16 -0.91
C PRO B 171 -22.19 5.30 -1.13
N SER B 172 -22.32 4.67 -2.30
CA SER B 172 -23.45 3.79 -2.56
C SER B 172 -23.02 2.38 -2.26
N GLU B 173 -23.66 1.80 -1.25
CA GLU B 173 -23.37 0.46 -0.77
C GLU B 173 -23.55 -0.58 -1.85
N ASP B 174 -24.49 -0.36 -2.76
CA ASP B 174 -24.66 -1.28 -3.85
C ASP B 174 -23.45 -1.31 -4.71
N ALA B 175 -22.95 -0.12 -5.03
CA ALA B 175 -21.81 -0.08 -5.94
C ALA B 175 -20.70 -0.85 -5.29
N LEU B 176 -20.52 -0.60 -3.99
CA LEU B 176 -19.44 -1.22 -3.25
C LEU B 176 -19.49 -2.77 -3.44
N GLU B 177 -20.68 -3.33 -3.39
CA GLU B 177 -20.78 -4.75 -3.56
C GLU B 177 -20.52 -5.25 -4.98
N LYS B 178 -21.13 -4.63 -5.99
CA LYS B 178 -20.84 -5.01 -7.36
C LYS B 178 -19.33 -4.99 -7.57
N ALA B 179 -18.67 -4.01 -6.97
CA ALA B 179 -17.24 -3.87 -7.15
C ALA B 179 -16.56 -5.13 -6.67
N ARG B 180 -16.91 -5.54 -5.47
CA ARG B 180 -16.31 -6.71 -4.89
C ARG B 180 -16.51 -7.93 -5.76
N ARG B 181 -17.56 -7.93 -6.58
CA ARG B 181 -17.81 -9.09 -7.40
C ARG B 181 -17.47 -8.79 -8.81
N GLY B 182 -16.45 -7.97 -9.01
CA GLY B 182 -16.04 -7.57 -10.35
C GLY B 182 -17.22 -7.16 -11.24
N GLU B 183 -18.26 -6.53 -10.66
CA GLU B 183 -19.38 -6.10 -11.51
C GLU B 183 -19.91 -4.72 -11.34
N ALA B 184 -19.06 -3.72 -11.45
CA ALA B 184 -19.57 -2.37 -11.34
C ALA B 184 -18.95 -1.54 -12.45
N GLY B 185 -18.23 -2.23 -13.32
CA GLY B 185 -17.41 -1.60 -14.36
C GLY B 185 -18.12 -0.43 -15.03
N ASP B 186 -17.34 0.55 -15.46
CA ASP B 186 -17.95 1.71 -16.12
C ASP B 186 -18.91 2.45 -15.19
N LEU B 187 -18.39 2.83 -14.04
CA LEU B 187 -19.09 3.57 -13.01
C LEU B 187 -18.01 4.43 -12.43
N THR B 188 -18.36 5.63 -12.03
CA THR B 188 -17.37 6.54 -11.45
C THR B 188 -17.72 7.05 -10.08
N GLY B 189 -16.73 7.73 -9.50
CA GLY B 189 -16.90 8.35 -8.22
C GLY B 189 -18.09 9.26 -8.26
N LYS B 190 -18.28 9.96 -9.36
CA LYS B 190 -19.36 10.95 -9.44
C LYS B 190 -20.74 10.32 -9.47
N GLN B 191 -20.81 9.06 -9.92
CA GLN B 191 -22.09 8.35 -9.98
C GLN B 191 -22.24 7.44 -8.81
N THR B 192 -21.18 7.31 -8.00
CA THR B 192 -21.25 6.38 -6.89
C THR B 192 -21.25 7.05 -5.53
N HIS B 193 -21.21 8.37 -5.52
CA HIS B 193 -21.17 9.09 -4.25
C HIS B 193 -22.20 10.23 -4.28
N LYS B 194 -22.75 10.51 -3.13
CA LYS B 194 -23.69 11.63 -2.95
C LYS B 194 -23.05 12.62 -1.99
N ARG B 195 -23.26 13.89 -2.26
CA ARG B 195 -22.65 14.99 -1.50
C ARG B 195 -23.68 15.69 -0.61
N GLN B 196 -23.49 15.61 0.71
CA GLN B 196 -24.49 16.17 1.63
C GLN B 196 -24.03 17.37 2.42
N CYS B 197 -24.75 18.48 2.24
CA CYS B 197 -24.35 19.77 2.83
C CYS B 197 -25.24 20.24 3.98
N PHE B 198 -24.62 20.58 5.10
CA PHE B 198 -25.33 21.19 6.21
C PHE B 198 -24.78 22.56 6.40
N VAL B 199 -25.66 23.55 6.19
CA VAL B 199 -25.26 24.94 6.20
C VAL B 199 -26.08 25.85 7.18
N VAL B 200 -25.35 26.80 7.77
CA VAL B 200 -25.94 27.87 8.59
C VAL B 200 -25.80 29.28 7.96
N ALA B 201 -26.92 29.92 7.66
CA ALA B 201 -26.87 31.21 7.00
C ALA B 201 -28.23 31.83 7.02
N ASP B 202 -28.25 33.16 6.90
CA ASP B 202 -29.48 33.94 6.89
C ASP B 202 -30.36 33.46 5.73
N ALA B 203 -31.67 33.37 5.93
CA ALA B 203 -32.58 32.91 4.87
C ALA B 203 -32.46 33.83 3.69
N ALA B 204 -32.10 35.08 3.92
CA ALA B 204 -32.03 35.99 2.79
C ALA B 204 -30.94 35.52 1.77
N ASP B 205 -29.88 34.90 2.29
CA ASP B 205 -28.76 34.51 1.47
C ASP B 205 -28.90 33.15 0.86
N HIS B 206 -30.03 32.52 1.10
CA HIS B 206 -30.13 31.10 0.75
C HIS B 206 -29.97 30.85 -0.72
N GLU B 207 -30.75 31.59 -1.49
CA GLU B 207 -30.71 31.45 -2.94
C GLU B 207 -29.31 31.47 -3.54
N ARG B 208 -28.56 32.51 -3.22
CA ARG B 208 -27.24 32.55 -3.79
C ARG B 208 -26.20 31.58 -3.16
N ILE B 209 -26.36 31.11 -1.93
CA ILE B 209 -25.33 30.21 -1.42
C ILE B 209 -25.58 28.88 -2.10
N GLU B 210 -26.83 28.51 -2.24
CA GLU B 210 -27.11 27.28 -2.92
C GLU B 210 -26.56 27.25 -4.35
N ASN B 211 -26.58 28.41 -5.03
CA ASN B 211 -26.13 28.48 -6.40
C ASN B 211 -24.62 28.29 -6.48
N ASP B 212 -23.94 28.99 -5.60
CA ASP B 212 -22.49 28.91 -5.50
C ASP B 212 -22.07 27.44 -5.19
N ILE B 213 -22.91 26.76 -4.45
CA ILE B 213 -22.49 25.46 -4.05
C ILE B 213 -22.57 24.56 -5.26
N ARG B 214 -23.78 24.48 -5.83
CA ARG B 214 -24.00 23.55 -6.94
C ARG B 214 -23.21 23.92 -8.17
N THR B 215 -22.68 25.12 -8.23
CA THR B 215 -21.93 25.46 -9.41
C THR B 215 -20.43 25.46 -9.10
N MET B 216 -20.07 24.94 -7.91
CA MET B 216 -18.66 24.95 -7.50
C MET B 216 -17.82 24.01 -8.32
N PRO B 217 -16.91 24.60 -9.08
CA PRO B 217 -16.11 23.83 -10.01
C PRO B 217 -15.44 22.66 -9.30
N ASP B 218 -15.58 21.55 -10.00
CA ASP B 218 -15.14 20.17 -9.65
C ASP B 218 -14.93 19.88 -8.14
N TYR B 219 -15.40 20.73 -7.28
CA TYR B 219 -15.45 20.38 -5.85
C TYR B 219 -16.88 19.88 -5.63
N PHE B 220 -17.77 20.36 -6.50
CA PHE B 220 -19.19 20.06 -6.38
C PHE B 220 -19.93 19.75 -7.68
N VAL B 221 -19.40 20.29 -8.81
CA VAL B 221 -20.12 20.05 -10.04
C VAL B 221 -20.03 18.61 -10.54
N GLY B 222 -21.16 18.09 -10.99
CA GLY B 222 -21.23 16.74 -11.55
C GLY B 222 -21.70 15.70 -10.56
N TYR B 223 -21.69 16.03 -9.27
CA TYR B 223 -22.20 15.16 -8.22
C TYR B 223 -23.68 15.43 -7.95
N GLU B 224 -24.34 14.49 -7.29
CA GLU B 224 -25.67 14.74 -6.82
C GLU B 224 -25.46 15.42 -5.49
N VAL B 225 -26.02 16.63 -5.30
CA VAL B 225 -25.76 17.44 -4.08
C VAL B 225 -27.06 17.70 -3.29
N GLU B 226 -26.99 17.70 -1.97
CA GLU B 226 -28.18 18.00 -1.20
C GLU B 226 -27.76 19.11 -0.29
N VAL B 227 -28.59 20.18 -0.23
CA VAL B 227 -28.32 21.36 0.60
C VAL B 227 -29.38 21.56 1.70
N ASN B 228 -28.88 21.57 2.94
CA ASN B 228 -29.72 21.64 4.13
C ASN B 228 -29.28 22.86 4.94
N PHE B 229 -30.25 23.74 5.16
CA PHE B 229 -30.04 25.02 5.86
C PHE B 229 -30.64 24.82 7.22
N ILE B 230 -29.79 24.68 8.24
CA ILE B 230 -30.30 24.36 9.54
C ILE B 230 -29.97 25.33 10.64
N ASP B 231 -30.76 25.29 11.68
CA ASP B 231 -30.54 26.14 12.82
C ASP B 231 -29.18 25.95 13.51
N GLU B 232 -28.58 27.04 13.93
CA GLU B 232 -27.28 27.00 14.60
C GLU B 232 -27.18 25.97 15.71
N ALA B 233 -28.25 25.87 16.49
CA ALA B 233 -28.24 24.97 17.63
C ALA B 233 -27.98 23.60 17.07
N THR B 234 -29.00 23.13 16.38
CA THR B 234 -28.97 21.86 15.71
C THR B 234 -27.60 21.62 15.10
N PHE B 235 -27.02 22.63 14.46
CA PHE B 235 -25.72 22.40 13.86
C PHE B 235 -24.65 22.17 14.92
N ASP B 236 -24.63 23.04 15.91
CA ASP B 236 -23.59 22.93 16.92
C ASP B 236 -23.54 21.69 17.77
N SER B 237 -24.65 20.96 17.79
CA SER B 237 -24.84 19.79 18.62
C SER B 237 -24.72 18.53 17.79
N GLU B 238 -25.45 18.50 16.68
CA GLU B 238 -25.43 17.36 15.80
C GLU B 238 -24.22 17.20 14.87
N HIS B 239 -23.43 18.23 14.61
CA HIS B 239 -22.35 18.06 13.67
C HIS B 239 -21.02 18.38 14.28
N THR B 240 -20.48 17.47 15.04
CA THR B 240 -19.26 17.79 15.73
C THR B 240 -18.09 16.87 15.43
N GLY B 241 -18.37 15.60 15.13
CA GLY B 241 -17.29 14.64 14.88
C GLY B 241 -16.69 14.74 13.48
N MET B 242 -15.48 14.22 13.29
CA MET B 242 -14.91 14.27 11.97
C MET B 242 -14.44 12.92 11.53
N PRO B 243 -15.31 11.95 11.57
CA PRO B 243 -14.94 10.61 11.02
C PRO B 243 -14.87 10.61 9.49
N HIS B 244 -14.13 9.64 8.98
CA HIS B 244 -14.17 9.36 7.55
C HIS B 244 -13.48 8.04 7.28
N GLY B 245 -13.37 7.73 5.99
CA GLY B 245 -12.59 6.56 5.54
C GLY B 245 -13.07 6.12 4.17
N GLY B 246 -12.64 4.93 3.72
CA GLY B 246 -13.06 4.40 2.43
C GLY B 246 -12.33 3.13 2.02
N HIS B 247 -12.62 2.70 0.81
CA HIS B 247 -12.14 1.45 0.27
C HIS B 247 -11.57 1.67 -1.11
N VAL B 248 -10.38 1.11 -1.37
CA VAL B 248 -9.91 0.94 -2.73
C VAL B 248 -10.02 -0.54 -3.07
N ILE B 249 -10.79 -0.84 -4.11
CA ILE B 249 -10.99 -2.23 -4.50
C ILE B 249 -10.43 -2.49 -5.89
N THR B 250 -9.69 -3.56 -6.05
CA THR B 250 -9.26 -3.94 -7.39
C THR B 250 -9.47 -5.42 -7.59
N THR B 251 -9.99 -5.78 -8.73
CA THR B 251 -10.17 -7.17 -9.07
C THR B 251 -9.44 -7.44 -10.39
N GLY B 252 -8.94 -8.64 -10.59
CA GLY B 252 -8.22 -8.99 -11.82
C GLY B 252 -8.26 -10.50 -12.06
N ASP B 253 -8.03 -10.92 -13.30
CA ASP B 253 -8.13 -12.33 -13.59
C ASP B 253 -6.82 -12.75 -14.28
N THR B 254 -6.19 -13.82 -13.81
CA THR B 254 -4.98 -14.27 -14.45
C THR B 254 -5.58 -15.33 -15.37
N GLY B 255 -4.85 -16.25 -15.89
CA GLY B 255 -5.55 -17.19 -16.81
C GLY B 255 -6.86 -17.92 -16.39
N GLY B 256 -7.92 -17.21 -16.12
CA GLY B 256 -9.15 -17.87 -15.63
C GLY B 256 -9.25 -17.96 -14.07
N PHE B 257 -8.42 -17.20 -13.38
CA PHE B 257 -8.46 -17.22 -11.94
C PHE B 257 -8.59 -15.78 -11.51
N ASN B 258 -9.35 -15.56 -10.45
CA ASN B 258 -9.49 -14.22 -9.91
C ASN B 258 -8.73 -13.90 -8.64
N HIS B 259 -8.43 -12.64 -8.49
CA HIS B 259 -7.79 -12.12 -7.31
C HIS B 259 -8.44 -10.77 -6.91
N THR B 260 -8.48 -10.50 -5.62
CA THR B 260 -9.05 -9.25 -5.20
C THR B 260 -8.08 -8.60 -4.28
N VAL B 261 -7.79 -7.32 -4.51
CA VAL B 261 -6.98 -6.52 -3.58
C VAL B 261 -7.89 -5.42 -2.95
N GLU B 262 -7.97 -5.41 -1.61
CA GLU B 262 -8.81 -4.46 -0.89
C GLU B 262 -7.97 -3.71 0.10
N TYR B 263 -8.15 -2.39 0.06
CA TYR B 263 -7.52 -1.50 1.00
C TYR B 263 -8.54 -0.65 1.74
N ILE B 264 -8.51 -0.77 3.06
CA ILE B 264 -9.54 -0.14 3.89
C ILE B 264 -9.00 0.74 5.02
N LEU B 265 -9.72 1.82 5.21
CA LEU B 265 -9.46 2.78 6.28
C LEU B 265 -10.76 3.13 6.98
N LYS B 266 -10.67 3.02 8.26
CA LYS B 266 -11.73 3.39 9.17
C LYS B 266 -11.11 4.36 10.15
N LEU B 267 -11.45 5.61 10.00
CA LEU B 267 -10.84 6.64 10.80
C LEU B 267 -11.81 7.34 11.72
N ASP B 268 -11.49 7.35 13.00
CA ASP B 268 -12.30 8.02 13.97
C ASP B 268 -12.16 9.55 13.82
N ARG B 269 -10.96 10.04 13.51
CA ARG B 269 -10.73 11.47 13.38
C ARG B 269 -9.89 11.71 12.14
N ASN B 270 -10.55 12.21 11.09
CA ASN B 270 -9.92 12.52 9.77
C ASN B 270 -8.57 13.28 9.85
N PRO B 271 -8.55 14.48 10.47
CA PRO B 271 -7.32 15.30 10.60
C PRO B 271 -6.19 14.59 11.28
N ASP B 272 -6.51 13.70 12.23
CA ASP B 272 -5.49 12.93 12.99
C ASP B 272 -4.72 11.93 12.17
N PHE B 273 -5.45 11.21 11.32
CA PHE B 273 -4.77 10.24 10.48
C PHE B 273 -3.97 10.95 9.37
N THR B 274 -4.64 11.89 8.71
CA THR B 274 -4.04 12.77 7.70
C THR B 274 -2.77 13.40 8.26
N ALA B 275 -2.87 13.89 9.47
CA ALA B 275 -1.70 14.47 10.13
C ALA B 275 -0.63 13.38 10.24
N SER B 276 -0.98 12.15 10.64
CA SER B 276 0.09 11.13 10.79
C SER B 276 0.81 10.77 9.52
N SER B 277 0.07 10.75 8.42
CA SER B 277 0.66 10.54 7.11
C SER B 277 1.53 11.71 6.68
N GLN B 278 0.98 12.92 6.75
CA GLN B 278 1.79 14.11 6.42
C GLN B 278 3.15 14.12 7.17
N ILE B 279 3.12 13.77 8.45
CA ILE B 279 4.34 13.69 9.26
C ILE B 279 5.41 12.72 8.75
N ALA B 280 5.01 11.49 8.39
CA ALA B 280 5.96 10.49 7.86
C ALA B 280 6.58 10.96 6.56
N PHE B 281 5.75 11.48 5.64
CA PHE B 281 6.38 12.11 4.48
C PHE B 281 7.27 13.30 4.78
N GLY B 282 7.01 13.96 5.89
CA GLY B 282 7.95 15.02 6.24
C GLY B 282 9.28 14.40 6.54
N ARG B 283 9.25 13.25 7.18
CA ARG B 283 10.56 12.60 7.53
C ARG B 283 11.24 12.20 6.23
N ALA B 284 10.43 11.69 5.31
CA ALA B 284 11.01 11.26 4.01
C ALA B 284 11.70 12.46 3.30
N ALA B 285 10.99 13.58 3.25
CA ALA B 285 11.51 14.76 2.55
C ALA B 285 12.86 15.18 3.08
N HIS B 286 12.97 15.26 4.40
CA HIS B 286 14.24 15.70 4.99
C HIS B 286 15.37 14.73 4.62
N ARG B 287 15.05 13.45 4.63
CA ARG B 287 16.05 12.43 4.31
C ARG B 287 16.49 12.49 2.84
N MET B 288 15.52 12.68 1.93
CA MET B 288 15.91 12.75 0.55
C MET B 288 16.83 13.91 0.32
N LYS B 289 16.62 14.99 1.05
CA LYS B 289 17.44 16.20 0.87
C LYS B 289 18.85 15.95 1.33
N GLN B 290 19.05 15.35 2.50
CA GLN B 290 20.39 15.02 2.99
C GLN B 290 21.02 14.06 2.03
N GLN B 291 20.18 13.23 1.45
CA GLN B 291 20.59 12.22 0.53
C GLN B 291 20.98 12.87 -0.79
N GLY B 292 20.86 14.19 -0.88
CA GLY B 292 21.28 14.86 -2.11
C GLY B 292 20.21 15.25 -3.17
N GLN B 293 18.91 15.12 -2.90
CA GLN B 293 17.90 15.47 -3.90
C GLN B 293 17.25 16.84 -3.70
N SER B 294 16.51 17.32 -4.70
CA SER B 294 15.73 18.54 -4.53
C SER B 294 14.65 18.62 -5.59
N GLY B 295 13.58 19.39 -5.36
CA GLY B 295 12.53 19.44 -6.34
C GLY B 295 11.23 18.96 -5.68
N ALA B 296 10.18 18.74 -6.48
CA ALA B 296 8.88 18.38 -5.92
C ALA B 296 8.59 16.98 -6.32
N PHE B 297 7.94 16.25 -5.42
CA PHE B 297 7.65 14.85 -5.64
C PHE B 297 6.30 14.50 -5.11
N THR B 298 5.72 13.50 -5.75
CA THR B 298 4.43 12.92 -5.43
C THR B 298 4.66 11.71 -4.47
N VAL B 299 3.60 11.12 -3.90
CA VAL B 299 3.85 9.98 -3.00
C VAL B 299 4.32 8.71 -3.80
N LEU B 300 4.16 8.73 -5.13
CA LEU B 300 4.52 7.56 -5.91
C LEU B 300 5.99 7.47 -6.07
N GLU B 301 6.68 8.52 -5.65
CA GLU B 301 8.08 8.63 -5.94
C GLU B 301 8.99 8.43 -4.76
N VAL B 302 8.48 7.92 -3.65
CA VAL B 302 9.34 7.74 -2.50
C VAL B 302 9.31 6.28 -2.01
N ALA B 303 10.49 5.63 -1.90
CA ALA B 303 10.65 4.23 -1.43
C ALA B 303 10.06 4.22 -0.07
N PRO B 304 9.25 3.22 0.19
CA PRO B 304 8.53 3.11 1.47
C PRO B 304 9.38 3.27 2.72
N TYR B 305 10.59 2.76 2.72
CA TYR B 305 11.40 2.76 3.97
C TYR B 305 11.83 4.17 4.44
N LEU B 306 11.67 5.15 3.59
CA LEU B 306 12.08 6.51 3.92
C LEU B 306 11.14 7.16 4.96
N LEU B 307 9.95 6.60 5.11
CA LEU B 307 8.97 7.15 6.06
C LEU B 307 9.19 6.68 7.51
N SER B 308 9.96 5.61 7.68
CA SER B 308 10.11 4.98 9.01
C SER B 308 11.25 5.54 9.85
N PRO B 309 10.97 5.78 11.13
CA PRO B 309 11.96 6.23 12.08
C PRO B 309 13.00 5.16 12.33
N GLU B 310 12.78 3.92 11.88
CA GLU B 310 13.81 2.91 12.10
C GLU B 310 14.79 2.82 11.02
N ASN B 311 15.91 2.27 11.38
CA ASN B 311 16.94 1.91 10.48
C ASN B 311 16.39 0.89 9.45
N LEU B 312 16.90 0.99 8.21
CA LEU B 312 16.60 0.03 7.16
C LEU B 312 16.92 -1.46 7.50
N ASP B 313 18.12 -1.71 8.03
CA ASP B 313 18.55 -3.08 8.49
C ASP B 313 17.58 -3.73 9.48
N ASP B 314 17.01 -2.94 10.37
CA ASP B 314 16.05 -3.46 11.32
C ASP B 314 14.77 -3.73 10.62
N LEU B 315 14.43 -2.83 9.71
CA LEU B 315 13.15 -2.96 9.03
C LEU B 315 13.17 -4.29 8.22
N ILE B 316 14.30 -4.50 7.60
CA ILE B 316 14.50 -5.63 6.78
C ILE B 316 14.55 -6.92 7.60
N ALA B 317 15.25 -6.83 8.72
CA ALA B 317 15.37 -7.94 9.68
C ALA B 317 13.98 -8.33 10.24
N ARG B 318 13.21 -7.36 10.67
CA ARG B 318 11.95 -7.66 11.28
C ARG B 318 10.69 -7.78 10.43
N ASP B 319 10.51 -6.90 9.45
CA ASP B 319 9.21 -6.76 8.79
C ASP B 319 9.07 -7.35 7.40
N VAL B 320 10.18 -7.61 6.71
CA VAL B 320 10.06 -8.07 5.35
C VAL B 320 9.67 -9.53 5.24
#